data_6XQV
#
_entry.id   6XQV
#
_cell.length_a   42.600
_cell.length_b   77.990
_cell.length_c   87.690
_cell.angle_alpha   90.000
_cell.angle_beta   91.109
_cell.angle_gamma   90.000
#
_symmetry.space_group_name_H-M   'P 1 21 1'
#
loop_
_entity.id
_entity.type
_entity.pdbx_description
1 polymer 'Probable peptidoglycan D,D-transpeptidase PenA'
2 non-polymer Ceftriaxone
3 non-polymer 'SULFATE ION'
4 non-polymer 'CHLORIDE ION'
5 water water
#
_entity_poly.entity_id   1
_entity_poly.type   'polypeptide(L)'
_entity_poly.pdbx_seq_one_letter_code
;DMLSLDQRIQTLAYEELNKAVEYHQAKAGTVVVLDARTGEILALANTPGGRNRAVTDMIEPGAAIKPFVIAKALDAGKTD
LNERLNTQPYKIGPSPVRDTHVYPSLDVRGIMQKSSNVGTSKLSARFGAEEMYDFYHELGIGVRMHSGFPGETAGLLRNW
RRWRPIEQATMSFGYGLQLSLLQLARAYTALTHDGVLLPLSFEKQAVAPQGKRIFKESTAREVRNLMVSVTEPGGTGTAG
AVDGFDVGAKTGTARKFVNGRYADNKHVATFIGFAPAKNPRVIVAVTIDEPTAHGYYGGVVAGPPFKKIMGGSLNILGIS
PTKPLTA
;
_entity_poly.pdbx_strand_id   A,B
#
# COMPACT_ATOMS: atom_id res chain seq x y z
N ASP A 1 -25.74 -0.82 25.00
CA ASP A 1 -24.74 0.04 24.37
C ASP A 1 -23.49 -0.77 24.02
N MET A 2 -23.00 -0.58 22.80
CA MET A 2 -21.91 -1.39 22.25
C MET A 2 -20.61 -0.60 22.10
N LEU A 3 -20.47 0.51 22.83
CA LEU A 3 -19.28 1.35 22.68
C LEU A 3 -18.09 0.74 23.41
N SER A 4 -16.90 0.85 22.79
CA SER A 4 -15.71 0.23 23.36
C SER A 4 -15.10 1.04 24.50
N LEU A 5 -15.48 2.31 24.64
CA LEU A 5 -14.91 3.17 25.67
C LEU A 5 -15.11 2.58 27.06
N ASP A 6 -14.06 2.59 27.88
CA ASP A 6 -14.13 2.19 29.28
C ASP A 6 -13.89 3.44 30.13
N GLN A 7 -14.91 3.84 30.88
CA GLN A 7 -14.87 5.14 31.54
C GLN A 7 -13.80 5.20 32.63
N ARG A 8 -13.54 4.09 33.31
CA ARG A 8 -12.49 4.10 34.33
C ARG A 8 -11.11 4.31 33.72
N ILE A 9 -10.85 3.64 32.60
CA ILE A 9 -9.57 3.82 31.92
C ILE A 9 -9.48 5.22 31.32
N GLN A 10 -10.57 5.70 30.72
CA GLN A 10 -10.57 7.05 30.15
C GLN A 10 -10.31 8.11 31.23
N THR A 11 -10.90 7.93 32.42
CA THR A 11 -10.65 8.83 33.53
C THR A 11 -9.22 8.68 34.05
N LEU A 12 -8.74 7.45 34.16
CA LEU A 12 -7.34 7.22 34.52
C LEU A 12 -6.40 7.90 33.53
N ALA A 13 -6.67 7.73 32.24
CA ALA A 13 -5.77 8.27 31.22
C ALA A 13 -5.75 9.79 31.26
N TYR A 14 -6.93 10.42 31.39
CA TYR A 14 -7.01 11.87 31.38
C TYR A 14 -6.31 12.49 32.60
N GLU A 15 -6.48 11.88 33.77
CA GLU A 15 -5.87 12.43 34.98
C GLU A 15 -4.36 12.33 34.93
N GLU A 16 -3.84 11.16 34.53
CA GLU A 16 -2.39 10.99 34.46
C GLU A 16 -1.77 11.84 33.36
N LEU A 17 -2.48 11.99 32.24
CA LEU A 17 -1.99 12.83 31.16
C LEU A 17 -1.85 14.27 31.62
N ASN A 18 -2.84 14.79 32.34
CA ASN A 18 -2.82 16.18 32.76
C ASN A 18 -1.77 16.43 33.84
N LYS A 19 -1.59 15.46 34.75
CA LYS A 19 -0.49 15.53 35.71
C LYS A 19 0.85 15.67 34.99
N ALA A 20 1.10 14.81 34.00
CA ALA A 20 2.36 14.84 33.28
C ALA A 20 2.55 16.15 32.54
N VAL A 21 1.52 16.61 31.83
CA VAL A 21 1.61 17.86 31.08
C VAL A 21 1.89 19.04 32.01
N GLU A 22 1.20 19.08 33.16
CA GLU A 22 1.42 20.15 34.13
C GLU A 22 2.81 20.08 34.73
N TYR A 23 3.24 18.87 35.11
CA TYR A 23 4.53 18.72 35.76
C TYR A 23 5.68 19.13 34.85
N HIS A 24 5.59 18.79 33.57
CA HIS A 24 6.65 19.14 32.62
C HIS A 24 6.37 20.46 31.92
N GLN A 25 5.34 21.19 32.34
CA GLN A 25 5.01 22.51 31.78
C GLN A 25 4.94 22.45 30.27
N ALA A 26 4.20 21.47 29.77
CA ALA A 26 4.13 21.22 28.34
C ALA A 26 2.93 21.94 27.74
N LYS A 27 2.93 22.03 26.40
CA LYS A 27 1.86 22.73 25.70
C LYS A 27 0.60 21.88 25.57
N ALA A 28 0.74 20.57 25.36
CA ALA A 28 -0.41 19.71 25.13
C ALA A 28 0.00 18.25 25.33
N GLY A 29 -0.98 17.36 25.24
CA GLY A 29 -0.72 15.94 25.35
C GLY A 29 -1.92 15.12 24.94
N THR A 30 -1.66 13.88 24.56
CA THR A 30 -2.69 12.95 24.12
C THR A 30 -2.35 11.55 24.62
N VAL A 31 -3.39 10.74 24.83
CA VAL A 31 -3.24 9.34 25.20
C VAL A 31 -4.22 8.51 24.37
N VAL A 32 -3.78 7.33 23.95
CA VAL A 32 -4.64 6.32 23.35
C VAL A 32 -4.44 5.02 24.14
N VAL A 33 -5.54 4.34 24.47
CA VAL A 33 -5.48 3.02 25.09
C VAL A 33 -6.30 2.05 24.24
N LEU A 34 -5.67 0.97 23.78
CA LEU A 34 -6.29 -0.01 22.89
C LEU A 34 -6.32 -1.39 23.53
N ASP A 35 -7.38 -2.13 23.21
CA ASP A 35 -7.34 -3.58 23.36
C ASP A 35 -6.34 -4.13 22.34
N ALA A 36 -5.31 -4.82 22.82
CA ALA A 36 -4.22 -5.25 21.96
C ALA A 36 -4.58 -6.44 21.07
N ARG A 37 -5.70 -7.11 21.33
CA ARG A 37 -6.10 -8.27 20.55
C ARG A 37 -7.22 -7.99 19.57
N THR A 38 -8.13 -7.06 19.88
CA THR A 38 -9.27 -6.76 19.02
C THR A 38 -9.15 -5.43 18.32
N GLY A 39 -8.34 -4.50 18.84
CA GLY A 39 -8.29 -3.16 18.29
C GLY A 39 -9.33 -2.20 18.85
N GLU A 40 -10.16 -2.65 19.78
CA GLU A 40 -11.12 -1.76 20.41
C GLU A 40 -10.40 -0.61 21.09
N ILE A 41 -10.93 0.59 20.89
CA ILE A 41 -10.36 1.78 21.51
C ILE A 41 -11.00 1.93 22.88
N LEU A 42 -10.20 1.79 23.93
CA LEU A 42 -10.70 1.84 25.28
C LEU A 42 -10.66 3.25 25.86
N ALA A 43 -9.75 4.11 25.38
CA ALA A 43 -9.63 5.45 25.91
C ALA A 43 -8.96 6.37 24.90
N LEU A 44 -9.41 7.62 24.87
CA LEU A 44 -8.81 8.71 24.11
C LEU A 44 -8.86 9.95 24.98
N ALA A 45 -7.70 10.50 25.32
CA ALA A 45 -7.65 11.66 26.20
C ALA A 45 -6.78 12.74 25.56
N ASN A 46 -7.20 13.99 25.73
CA ASN A 46 -6.50 15.13 25.14
C ASN A 46 -6.53 16.29 26.12
N THR A 47 -5.46 17.08 26.13
N THR A 47 -5.43 17.06 26.16
CA THR A 47 -5.40 18.26 26.97
CA THR A 47 -5.28 18.24 26.99
C THR A 47 -4.48 19.25 26.27
C THR A 47 -4.45 19.26 26.23
N PRO A 48 -4.76 20.57 26.36
CA PRO A 48 -5.88 21.16 27.09
C PRO A 48 -7.18 21.05 26.30
N GLY A 49 -8.30 21.32 26.96
CA GLY A 49 -9.62 21.05 26.42
C GLY A 49 -9.85 21.49 24.98
N GLY A 50 -10.71 20.77 24.27
CA GLY A 50 -10.99 21.13 22.90
C GLY A 50 -10.98 19.95 21.93
N ARG A 51 -10.15 20.05 20.90
CA ARG A 51 -10.21 19.11 19.79
C ARG A 51 -9.55 17.79 20.15
N ASN A 52 -9.85 16.77 19.35
CA ASN A 52 -9.36 15.41 19.57
C ASN A 52 -8.01 15.26 18.87
N ARG A 53 -6.96 15.71 19.58
CA ARG A 53 -5.63 15.73 18.98
C ARG A 53 -5.13 14.33 18.64
N ALA A 54 -5.56 13.32 19.40
CA ALA A 54 -5.14 11.95 19.11
C ALA A 54 -5.53 11.52 17.70
N VAL A 55 -6.59 12.11 17.14
N VAL A 55 -6.59 12.11 17.16
CA VAL A 55 -7.03 11.77 15.80
CA VAL A 55 -7.06 11.80 15.81
C VAL A 55 -6.79 12.87 14.79
C VAL A 55 -6.64 12.86 14.81
N THR A 56 -6.63 14.12 15.22
CA THR A 56 -6.47 15.24 14.28
C THR A 56 -5.03 15.68 14.09
N ASP A 57 -4.16 15.48 15.07
CA ASP A 57 -2.82 16.07 15.03
C ASP A 57 -1.83 15.06 14.46
N MET A 58 -1.17 15.45 13.37
CA MET A 58 -0.14 14.63 12.76
C MET A 58 1.21 14.99 13.36
N ILE A 59 1.93 13.97 13.84
CA ILE A 59 3.24 14.13 14.42
C ILE A 59 4.23 13.30 13.62
N GLU A 60 5.49 13.71 13.63
CA GLU A 60 6.54 12.80 13.21
C GLU A 60 6.81 11.81 14.35
N PRO A 61 6.90 10.51 14.07
CA PRO A 61 6.97 9.52 15.16
C PRO A 61 8.35 9.37 15.79
N GLY A 62 9.39 9.92 15.17
CA GLY A 62 10.73 9.66 15.66
C GLY A 62 10.98 8.17 15.76
N ALA A 63 11.70 7.76 16.79
CA ALA A 63 12.10 6.36 16.94
C ALA A 63 10.93 5.44 17.24
N ALA A 64 9.72 5.95 17.50
CA ALA A 64 8.55 5.09 17.67
C ALA A 64 8.22 4.30 16.41
N ILE A 65 8.83 4.62 15.27
CA ILE A 65 8.67 3.81 14.06
C ILE A 65 9.72 2.71 13.94
N LYS A 66 10.81 2.80 14.71
CA LYS A 66 11.88 1.82 14.58
C LYS A 66 11.44 0.37 14.75
N PRO A 67 10.54 0.01 15.67
CA PRO A 67 10.14 -1.40 15.76
C PRO A 67 9.68 -1.99 14.45
N PHE A 68 9.04 -1.18 13.58
CA PHE A 68 8.50 -1.72 12.35
C PHE A 68 9.58 -1.92 11.28
N VAL A 69 10.60 -1.05 11.27
CA VAL A 69 11.73 -1.25 10.36
C VAL A 69 12.51 -2.50 10.77
N ILE A 70 12.76 -2.65 12.08
CA ILE A 70 13.45 -3.83 12.59
C ILE A 70 12.65 -5.10 12.31
N ALA A 71 11.34 -5.06 12.54
CA ALA A 71 10.50 -6.22 12.26
C ALA A 71 10.55 -6.59 10.78
N LYS A 72 10.43 -5.58 9.91
CA LYS A 72 10.44 -5.83 8.47
C LYS A 72 11.76 -6.45 8.03
N ALA A 73 12.87 -5.93 8.55
CA ALA A 73 14.19 -6.48 8.21
C ALA A 73 14.30 -7.93 8.65
N LEU A 74 13.82 -8.26 9.86
CA LEU A 74 13.82 -9.65 10.32
C LEU A 74 12.86 -10.50 9.51
N ASP A 75 11.66 -9.96 9.23
CA ASP A 75 10.65 -10.72 8.50
C ASP A 75 11.14 -11.14 7.12
N ALA A 76 11.86 -10.25 6.45
CA ALA A 76 12.35 -10.49 5.10
C ALA A 76 13.72 -11.15 5.07
N GLY A 77 14.27 -11.53 6.23
CA GLY A 77 15.54 -12.22 6.25
C GLY A 77 16.73 -11.38 5.88
N LYS A 78 16.62 -10.05 5.95
CA LYS A 78 17.73 -9.19 5.63
C LYS A 78 18.61 -8.88 6.84
N THR A 79 18.19 -9.32 8.03
CA THR A 79 19.06 -9.40 9.19
C THR A 79 18.58 -10.57 10.05
N ASP A 80 19.27 -10.82 11.16
CA ASP A 80 18.88 -11.82 12.14
C ASP A 80 19.26 -11.32 13.53
N LEU A 81 19.00 -12.16 14.54
CA LEU A 81 19.20 -11.76 15.93
C LEU A 81 20.64 -11.85 16.40
N ASN A 82 21.57 -12.35 15.59
CA ASN A 82 22.96 -12.44 16.02
C ASN A 82 23.89 -11.54 15.22
N GLU A 83 23.39 -10.84 14.20
CA GLU A 83 24.24 -9.92 13.46
C GLU A 83 24.60 -8.73 14.33
N ARG A 84 25.87 -8.34 14.32
CA ARG A 84 26.31 -7.11 14.99
C ARG A 84 26.62 -6.10 13.91
N LEU A 85 25.89 -4.98 13.93
CA LEU A 85 26.00 -3.95 12.91
C LEU A 85 26.93 -2.85 13.39
N ASN A 86 27.85 -2.44 12.52
CA ASN A 86 28.61 -1.22 12.75
C ASN A 86 27.64 -0.05 12.84
N THR A 87 27.65 0.66 13.97
CA THR A 87 26.72 1.75 14.18
C THR A 87 27.45 3.08 14.41
N GLN A 88 28.65 3.21 13.85
CA GLN A 88 29.35 4.49 13.87
C GLN A 88 28.52 5.54 13.13
N PRO A 89 28.47 6.78 13.61
CA PRO A 89 27.74 7.82 12.89
C PRO A 89 28.43 8.19 11.59
N TYR A 90 27.66 8.81 10.70
CA TYR A 90 28.22 9.32 9.45
C TYR A 90 27.30 10.41 8.93
N LYS A 91 27.63 10.94 7.76
CA LYS A 91 26.85 11.96 7.08
C LYS A 91 26.59 11.56 5.63
N ILE A 92 25.49 12.03 5.09
CA ILE A 92 25.24 12.04 3.65
C ILE A 92 25.10 13.50 3.26
N GLY A 93 26.13 14.05 2.62
CA GLY A 93 26.21 15.47 2.37
C GLY A 93 26.28 16.26 3.67
N PRO A 94 25.29 17.13 3.90
CA PRO A 94 25.26 17.90 5.14
C PRO A 94 24.50 17.21 6.27
N SER A 95 23.68 16.22 5.93
CA SER A 95 22.79 15.60 6.90
C SER A 95 23.52 14.52 7.69
N PRO A 96 23.58 14.62 9.01
CA PRO A 96 24.20 13.54 9.80
C PRO A 96 23.22 12.40 10.08
N VAL A 97 23.79 11.22 10.23
CA VAL A 97 23.08 10.04 10.70
C VAL A 97 23.84 9.60 11.95
N ARG A 98 23.28 9.90 13.13
CA ARG A 98 23.99 9.70 14.38
C ARG A 98 23.01 9.42 15.51
N ASP A 99 23.54 8.81 16.57
CA ASP A 99 22.80 8.53 17.79
C ASP A 99 23.25 9.51 18.88
N THR A 100 22.53 9.48 20.00
CA THR A 100 22.91 10.35 21.12
C THR A 100 24.26 9.94 21.70
N HIS A 101 24.61 8.66 21.61
CA HIS A 101 25.95 8.19 21.91
C HIS A 101 26.54 7.52 20.67
N VAL A 102 27.86 7.44 20.63
CA VAL A 102 28.54 6.67 19.60
C VAL A 102 28.68 5.25 20.14
N TYR A 103 27.86 4.33 19.61
CA TYR A 103 28.07 2.92 19.87
C TYR A 103 28.84 2.34 18.70
N PRO A 104 30.01 1.73 18.94
CA PRO A 104 30.75 1.13 17.81
C PRO A 104 29.96 0.05 17.08
N SER A 105 29.22 -0.78 17.80
CA SER A 105 28.39 -1.78 17.14
C SER A 105 27.25 -2.16 18.07
N LEU A 106 26.18 -2.67 17.48
CA LEU A 106 24.99 -3.14 18.19
C LEU A 106 24.38 -4.29 17.42
N ASP A 107 23.86 -5.29 18.14
CA ASP A 107 22.98 -6.23 17.48
C ASP A 107 21.59 -5.60 17.40
N VAL A 108 20.63 -6.32 16.79
N VAL A 108 20.65 -6.33 16.78
CA VAL A 108 19.31 -5.73 16.61
CA VAL A 108 19.30 -5.81 16.61
C VAL A 108 18.61 -5.53 17.95
C VAL A 108 18.66 -5.51 17.95
N ARG A 109 18.93 -6.34 18.95
CA ARG A 109 18.41 -6.08 20.29
C ARG A 109 18.94 -4.76 20.84
N GLY A 110 20.23 -4.50 20.64
CA GLY A 110 20.82 -3.24 21.10
C GLY A 110 20.27 -2.04 20.35
N ILE A 111 20.05 -2.19 19.04
CA ILE A 111 19.45 -1.11 18.26
C ILE A 111 18.09 -0.70 18.83
N MET A 112 17.28 -1.68 19.23
CA MET A 112 16.00 -1.38 19.84
C MET A 112 16.17 -0.80 21.24
N GLN A 113 16.99 -1.47 22.06
CA GLN A 113 17.19 -1.09 23.44
C GLN A 113 17.78 0.32 23.57
N LYS A 114 18.77 0.64 22.73
CA LYS A 114 19.46 1.92 22.81
C LYS A 114 18.84 3.00 21.91
N SER A 115 17.91 2.63 21.03
CA SER A 115 17.32 3.54 20.05
C SER A 115 18.39 4.13 19.13
N SER A 116 18.99 3.25 18.34
CA SER A 116 20.07 3.63 17.42
C SER A 116 19.47 4.06 16.09
N ASN A 117 19.59 5.36 15.77
CA ASN A 117 19.24 5.83 14.43
C ASN A 117 20.13 5.20 13.37
N VAL A 118 21.42 5.03 13.69
CA VAL A 118 22.35 4.48 12.70
C VAL A 118 21.98 3.05 12.34
N GLY A 119 21.76 2.22 13.36
CA GLY A 119 21.41 0.83 13.09
C GLY A 119 20.14 0.69 12.27
N THR A 120 19.12 1.48 12.62
CA THR A 120 17.85 1.39 11.89
C THR A 120 18.01 1.81 10.44
N SER A 121 18.76 2.89 10.19
CA SER A 121 18.94 3.36 8.82
C SER A 121 19.67 2.33 7.96
N LYS A 122 20.62 1.62 8.55
CA LYS A 122 21.35 0.61 7.79
C LYS A 122 20.47 -0.59 7.48
N LEU A 123 19.60 -0.98 8.41
CA LEU A 123 18.64 -2.05 8.13
C LEU A 123 17.68 -1.61 7.04
N SER A 124 17.15 -0.38 7.16
CA SER A 124 16.23 0.13 6.16
C SER A 124 16.86 0.20 4.78
N ALA A 125 18.15 0.58 4.72
CA ALA A 125 18.85 0.74 3.45
C ALA A 125 19.01 -0.58 2.69
N ARG A 126 18.72 -1.71 3.33
CA ARG A 126 18.74 -2.99 2.64
C ARG A 126 17.50 -3.23 1.80
N PHE A 127 16.53 -2.31 1.84
CA PHE A 127 15.34 -2.35 1.01
C PHE A 127 15.37 -1.22 -0.01
N GLY A 128 14.68 -1.42 -1.12
CA GLY A 128 14.50 -0.35 -2.08
C GLY A 128 13.52 0.69 -1.58
N ALA A 129 13.56 1.87 -2.22
CA ALA A 129 12.71 2.97 -1.77
C ALA A 129 11.24 2.66 -1.98
N GLU A 130 10.88 2.11 -3.14
CA GLU A 130 9.47 1.82 -3.40
C GLU A 130 8.94 0.75 -2.45
N GLU A 131 9.76 -0.28 -2.17
CA GLU A 131 9.43 -1.29 -1.17
C GLU A 131 9.05 -0.67 0.16
N MET A 132 9.92 0.21 0.68
CA MET A 132 9.68 0.81 1.99
C MET A 132 8.46 1.71 1.96
N TYR A 133 8.28 2.45 0.86
CA TYR A 133 7.10 3.29 0.71
C TYR A 133 5.82 2.47 0.81
N ASP A 134 5.77 1.35 0.09
CA ASP A 134 4.62 0.44 0.20
C ASP A 134 4.49 -0.10 1.63
N PHE A 135 5.62 -0.33 2.29
CA PHE A 135 5.57 -0.86 3.66
C PHE A 135 4.96 0.16 4.62
N TYR A 136 5.42 1.41 4.57
CA TYR A 136 4.82 2.45 5.39
C TYR A 136 3.35 2.62 5.06
N HIS A 137 3.00 2.52 3.77
CA HIS A 137 1.59 2.64 3.38
C HIS A 137 0.74 1.53 4.00
N GLU A 138 1.24 0.29 4.01
CA GLU A 138 0.42 -0.77 4.58
C GLU A 138 0.38 -0.74 6.10
N LEU A 139 1.31 -0.04 6.74
CA LEU A 139 1.16 0.24 8.16
C LEU A 139 0.04 1.23 8.43
N GLY A 140 -0.52 1.83 7.38
CA GLY A 140 -1.56 2.80 7.52
C GLY A 140 -1.10 4.24 7.47
N ILE A 141 0.18 4.49 7.24
CA ILE A 141 0.67 5.86 7.16
C ILE A 141 0.18 6.48 5.87
N GLY A 142 -0.50 7.62 5.98
CA GLY A 142 -1.17 8.22 4.84
C GLY A 142 -2.57 7.70 4.59
N VAL A 143 -3.07 6.77 5.39
CA VAL A 143 -4.39 6.19 5.20
C VAL A 143 -5.29 6.66 6.33
N ARG A 144 -6.31 7.44 5.98
CA ARG A 144 -7.23 8.03 6.95
C ARG A 144 -7.92 6.95 7.79
N MET A 145 -8.11 7.24 9.07
CA MET A 145 -8.71 6.28 10.01
C MET A 145 -10.22 6.19 9.89
N HIS A 146 -10.88 7.25 9.40
CA HIS A 146 -12.33 7.36 9.40
C HIS A 146 -12.90 7.01 10.77
N SER A 147 -12.42 7.75 11.76
CA SER A 147 -12.87 7.56 13.13
C SER A 147 -14.28 8.09 13.36
N GLY A 148 -14.75 8.99 12.50
CA GLY A 148 -16.01 9.67 12.72
C GLY A 148 -15.87 11.06 13.31
N PHE A 149 -14.69 11.42 13.78
CA PHE A 149 -14.45 12.75 14.32
C PHE A 149 -14.12 13.73 13.19
N PRO A 150 -14.58 14.97 13.28
CA PRO A 150 -14.16 15.99 12.32
C PRO A 150 -12.69 16.34 12.51
N GLY A 151 -12.14 17.04 11.51
CA GLY A 151 -10.75 17.49 11.56
C GLY A 151 -9.72 16.42 11.28
N GLU A 152 -10.14 15.20 10.94
CA GLU A 152 -9.24 14.10 10.73
C GLU A 152 -8.61 14.19 9.35
N THR A 153 -7.31 13.93 9.27
CA THR A 153 -6.63 13.88 7.98
C THR A 153 -5.88 12.57 7.85
N ALA A 154 -5.39 12.29 6.64
CA ALA A 154 -4.82 10.99 6.32
C ALA A 154 -3.40 10.80 6.85
N GLY A 155 -2.68 11.87 7.12
CA GLY A 155 -1.26 11.77 7.39
C GLY A 155 -0.44 11.96 6.12
N LEU A 156 0.88 11.94 6.30
CA LEU A 156 1.80 12.29 5.24
C LEU A 156 2.75 11.14 4.96
N LEU A 157 2.75 10.66 3.71
CA LEU A 157 3.73 9.72 3.21
C LEU A 157 4.10 10.18 1.80
N ARG A 158 5.23 10.88 1.68
CA ARG A 158 5.63 11.42 0.39
C ARG A 158 5.86 10.31 -0.62
N ASN A 159 5.53 10.59 -1.88
CA ASN A 159 5.73 9.65 -2.98
C ASN A 159 7.19 9.23 -3.05
N TRP A 160 7.42 7.92 -3.19
CA TRP A 160 8.77 7.36 -3.21
C TRP A 160 9.61 7.92 -4.36
N ARG A 161 8.97 8.34 -5.44
CA ARG A 161 9.75 8.87 -6.56
C ARG A 161 10.42 10.20 -6.22
N ARG A 162 10.02 10.85 -5.14
CA ARG A 162 10.60 12.12 -4.72
C ARG A 162 11.65 11.97 -3.62
N TRP A 163 11.91 10.75 -3.15
CA TRP A 163 12.82 10.56 -2.03
C TRP A 163 14.26 10.82 -2.46
N ARG A 164 14.93 11.73 -1.75
CA ARG A 164 16.38 11.83 -1.84
C ARG A 164 17.00 10.65 -1.09
N PRO A 165 18.25 10.28 -1.41
CA PRO A 165 18.86 9.13 -0.71
C PRO A 165 18.88 9.30 0.80
N ILE A 166 19.06 10.53 1.28
CA ILE A 166 19.04 10.77 2.72
C ILE A 166 17.64 10.60 3.30
N GLU A 167 16.61 10.79 2.46
CA GLU A 167 15.23 10.74 2.97
C GLU A 167 14.86 9.34 3.45
N GLN A 168 15.16 8.31 2.65
CA GLN A 168 14.84 6.95 3.09
C GLN A 168 15.58 6.61 4.37
N ALA A 169 16.82 7.11 4.53
CA ALA A 169 17.53 6.92 5.78
C ALA A 169 16.80 7.57 6.96
N THR A 170 16.45 8.86 6.82
CA THR A 170 15.87 9.57 7.96
C THR A 170 14.42 9.18 8.21
N MET A 171 13.70 8.72 7.19
CA MET A 171 12.33 8.24 7.43
C MET A 171 12.31 7.00 8.30
N SER A 172 13.38 6.19 8.23
CA SER A 172 13.42 4.95 9.00
C SER A 172 13.58 5.20 10.49
N PHE A 173 14.04 6.39 10.89
CA PHE A 173 13.96 6.75 12.29
C PHE A 173 13.07 7.98 12.50
N GLY A 174 12.03 8.10 11.68
CA GLY A 174 10.89 8.91 12.04
C GLY A 174 10.84 10.32 11.49
N TYR A 175 11.73 10.68 10.58
CA TYR A 175 11.65 11.97 9.92
C TYR A 175 10.78 11.89 8.67
N GLY A 176 10.11 13.00 8.35
CA GLY A 176 9.47 13.17 7.05
C GLY A 176 8.08 12.58 6.93
N LEU A 177 7.79 11.47 7.60
CA LEU A 177 6.44 10.95 7.58
C LEU A 177 5.69 11.41 8.82
N GLN A 178 4.37 11.47 8.71
CA GLN A 178 3.53 12.04 9.75
C GLN A 178 2.28 11.20 9.94
N LEU A 179 1.86 11.08 11.20
CA LEU A 179 0.69 10.29 11.53
C LEU A 179 0.15 10.80 12.86
N SER A 180 -1.11 10.47 13.11
CA SER A 180 -1.72 10.77 14.40
C SER A 180 -1.28 9.73 15.42
N LEU A 181 -1.47 10.05 16.70
CA LEU A 181 -1.22 9.06 17.73
C LEU A 181 -2.12 7.85 17.54
N LEU A 182 -3.34 8.05 17.02
CA LEU A 182 -4.20 6.90 16.79
C LEU A 182 -3.64 5.99 15.71
N GLN A 183 -3.15 6.58 14.61
CA GLN A 183 -2.53 5.78 13.56
C GLN A 183 -1.28 5.06 14.07
N LEU A 184 -0.52 5.71 14.95
CA LEU A 184 0.67 5.09 15.51
C LEU A 184 0.29 3.92 16.41
N ALA A 185 -0.67 4.13 17.32
CA ALA A 185 -1.12 3.03 18.17
C ALA A 185 -1.70 1.90 17.34
N ARG A 186 -2.44 2.22 16.28
CA ARG A 186 -2.98 1.18 15.41
C ARG A 186 -1.86 0.32 14.84
N ALA A 187 -0.77 0.94 14.39
CA ALA A 187 0.34 0.18 13.82
C ALA A 187 0.91 -0.82 14.82
N TYR A 188 0.90 -0.47 16.10
CA TYR A 188 1.43 -1.39 17.10
C TYR A 188 0.56 -2.64 17.27
N THR A 189 -0.67 -2.66 16.75
CA THR A 189 -1.44 -3.91 16.79
C THR A 189 -0.82 -4.98 15.88
N ALA A 190 -0.07 -4.59 14.85
CA ALA A 190 0.62 -5.60 14.04
C ALA A 190 1.66 -6.35 14.86
N LEU A 191 2.19 -5.72 15.91
CA LEU A 191 3.14 -6.40 16.78
C LEU A 191 2.45 -7.19 17.90
N THR A 192 1.38 -6.62 18.49
CA THR A 192 0.70 -7.32 19.59
C THR A 192 -0.19 -8.45 19.08
N HIS A 193 -0.84 -8.26 17.92
CA HIS A 193 -1.73 -9.28 17.38
C HIS A 193 -1.02 -10.24 16.43
N ASP A 194 0.20 -10.65 16.79
CA ASP A 194 0.94 -11.74 16.13
C ASP A 194 1.09 -11.52 14.62
N GLY A 195 1.46 -10.30 14.25
CA GLY A 195 1.75 -9.98 12.87
C GLY A 195 0.58 -9.45 12.07
N VAL A 196 -0.60 -9.32 12.67
CA VAL A 196 -1.82 -8.96 11.94
C VAL A 196 -2.25 -7.57 12.38
N LEU A 197 -2.19 -6.63 11.45
CA LEU A 197 -2.63 -5.26 11.71
C LEU A 197 -4.15 -5.22 11.82
N LEU A 198 -4.65 -4.52 12.84
CA LEU A 198 -6.10 -4.44 13.08
C LEU A 198 -6.64 -3.08 12.66
N PRO A 199 -7.93 -3.00 12.29
CA PRO A 199 -8.48 -1.72 11.83
C PRO A 199 -8.71 -0.71 12.95
N LEU A 200 -8.93 -1.17 14.19
CA LEU A 200 -9.40 -0.39 15.33
C LEU A 200 -10.90 -0.18 15.25
N SER A 201 -11.55 -0.01 16.40
CA SER A 201 -12.99 0.13 16.43
C SER A 201 -13.39 0.89 17.67
N PHE A 202 -14.45 1.68 17.55
CA PHE A 202 -15.11 2.30 18.69
C PHE A 202 -16.27 1.47 19.22
N GLU A 203 -16.54 0.29 18.66
CA GLU A 203 -17.55 -0.60 19.20
C GLU A 203 -16.93 -1.90 19.68
N LYS A 204 -17.57 -2.50 20.68
CA LYS A 204 -17.10 -3.75 21.25
C LYS A 204 -17.08 -4.85 20.18
N GLN A 205 -15.98 -5.58 20.14
CA GLN A 205 -15.77 -6.62 19.15
C GLN A 205 -15.92 -7.98 19.84
N ALA A 206 -16.88 -8.78 19.37
CA ALA A 206 -17.03 -10.12 19.95
C ALA A 206 -15.81 -10.98 19.63
N VAL A 207 -15.26 -10.83 18.43
CA VAL A 207 -14.03 -11.50 18.02
C VAL A 207 -13.06 -10.43 17.54
N ALA A 208 -11.82 -10.83 17.38
CA ALA A 208 -10.86 -9.97 16.69
C ALA A 208 -11.28 -9.88 15.22
N PRO A 209 -11.56 -8.68 14.70
CA PRO A 209 -11.99 -8.59 13.31
C PRO A 209 -10.91 -9.09 12.38
N GLN A 210 -11.29 -9.30 11.12
N GLN A 210 -11.29 -9.31 11.12
CA GLN A 210 -10.32 -9.65 10.10
CA GLN A 210 -10.29 -9.71 10.13
C GLN A 210 -9.33 -8.52 9.93
C GLN A 210 -9.33 -8.55 9.92
N GLY A 211 -8.05 -8.82 10.10
CA GLY A 211 -7.02 -7.85 9.92
C GLY A 211 -6.30 -8.04 8.61
N LYS A 212 -5.03 -7.67 8.60
CA LYS A 212 -4.17 -7.84 7.43
C LYS A 212 -2.81 -8.23 7.95
N ARG A 213 -2.24 -9.32 7.45
CA ARG A 213 -0.93 -9.75 7.92
C ARG A 213 0.15 -8.84 7.36
N ILE A 214 0.97 -8.32 8.26
CA ILE A 214 2.15 -7.53 7.90
C ILE A 214 3.43 -8.32 8.13
N PHE A 215 3.48 -9.09 9.23
CA PHE A 215 4.64 -9.87 9.60
C PHE A 215 4.20 -11.30 9.91
N LYS A 216 5.16 -12.21 9.83
CA LYS A 216 4.94 -13.55 10.37
C LYS A 216 4.72 -13.47 11.87
N GLU A 217 3.98 -14.44 12.40
CA GLU A 217 3.75 -14.48 13.85
C GLU A 217 5.06 -14.58 14.61
N SER A 218 5.99 -15.39 14.09
CA SER A 218 7.28 -15.56 14.74
C SER A 218 8.04 -14.25 14.80
N THR A 219 7.96 -13.45 13.72
CA THR A 219 8.62 -12.15 13.71
C THR A 219 8.05 -11.24 14.80
N ALA A 220 6.72 -11.15 14.86
CA ALA A 220 6.07 -10.32 15.87
C ALA A 220 6.47 -10.76 17.28
N ARG A 221 6.50 -12.07 17.52
N ARG A 221 6.41 -12.07 17.53
N ARG A 221 6.50 -12.07 17.53
CA ARG A 221 6.86 -12.57 18.84
CA ARG A 221 6.88 -12.62 18.80
CA ARG A 221 6.86 -12.55 18.85
C ARG A 221 8.30 -12.24 19.20
C ARG A 221 8.27 -12.11 19.14
C ARG A 221 8.30 -12.22 19.21
N GLU A 222 9.22 -12.32 18.24
CA GLU A 222 10.61 -11.96 18.51
C GLU A 222 10.75 -10.46 18.74
N VAL A 223 10.00 -9.65 18.00
CA VAL A 223 10.13 -8.20 18.13
C VAL A 223 9.57 -7.72 19.46
N ARG A 224 8.46 -8.31 19.92
CA ARG A 224 7.93 -7.96 21.24
C ARG A 224 8.96 -8.23 22.33
N ASN A 225 9.70 -9.33 22.22
CA ASN A 225 10.72 -9.66 23.21
C ASN A 225 11.89 -8.67 23.16
N LEU A 226 12.32 -8.27 21.96
CA LEU A 226 13.31 -7.20 21.86
C LEU A 226 12.82 -5.92 22.54
N MET A 227 11.53 -5.63 22.43
CA MET A 227 11.00 -4.40 23.00
C MET A 227 10.90 -4.44 24.52
N VAL A 228 10.92 -5.64 25.12
CA VAL A 228 11.01 -5.71 26.58
C VAL A 228 12.34 -5.14 27.07
N SER A 229 13.41 -5.25 26.27
CA SER A 229 14.68 -4.69 26.72
C SER A 229 14.62 -3.17 26.86
N VAL A 230 13.63 -2.52 26.25
CA VAL A 230 13.50 -1.06 26.37
C VAL A 230 13.11 -0.66 27.79
N THR A 231 12.35 -1.50 28.51
CA THR A 231 11.91 -1.16 29.85
C THR A 231 12.76 -1.80 30.94
N GLU A 232 13.77 -2.56 30.58
CA GLU A 232 14.70 -3.14 31.53
C GLU A 232 15.97 -2.31 31.59
N PRO A 233 16.77 -2.44 32.67
CA PRO A 233 18.02 -1.69 32.75
C PRO A 233 18.85 -1.80 31.48
N GLY A 234 19.37 -0.66 31.03
CA GLY A 234 20.05 -0.57 29.74
C GLY A 234 19.18 -0.01 28.63
N GLY A 235 17.86 -0.04 28.79
CA GLY A 235 16.98 0.53 27.77
C GLY A 235 16.65 1.99 28.02
N THR A 236 16.08 2.63 26.99
CA THR A 236 15.68 4.03 27.11
C THR A 236 14.33 4.21 27.80
N GLY A 237 13.60 3.14 28.10
CA GLY A 237 12.25 3.27 28.62
C GLY A 237 11.98 2.62 29.96
N THR A 238 12.96 2.69 30.86
CA THR A 238 12.81 2.06 32.17
C THR A 238 11.73 2.75 33.01
N ALA A 239 11.45 4.03 32.76
CA ALA A 239 10.42 4.73 33.52
C ALA A 239 9.03 4.15 33.27
N GLY A 240 8.85 3.36 32.20
CA GLY A 240 7.60 2.73 31.90
C GLY A 240 7.40 1.32 32.41
N ALA A 241 8.37 0.75 33.12
CA ALA A 241 8.21 -0.61 33.64
C ALA A 241 7.05 -0.67 34.63
N VAL A 242 6.34 -1.80 34.64
CA VAL A 242 5.14 -1.99 35.44
C VAL A 242 5.32 -3.20 36.34
N ASP A 243 4.95 -3.05 37.62
CA ASP A 243 5.16 -4.12 38.58
C ASP A 243 4.31 -5.32 38.24
N GLY A 244 4.92 -6.51 38.24
CA GLY A 244 4.19 -7.72 37.99
C GLY A 244 4.03 -8.10 36.54
N PHE A 245 4.64 -7.34 35.62
CA PHE A 245 4.48 -7.57 34.19
C PHE A 245 5.79 -7.28 33.47
N ASP A 246 5.97 -7.93 32.32
CA ASP A 246 6.98 -7.55 31.35
C ASP A 246 6.31 -6.62 30.33
N VAL A 247 6.96 -5.49 30.06
CA VAL A 247 6.40 -4.47 29.18
C VAL A 247 7.33 -4.31 27.97
N GLY A 248 6.78 -4.49 26.78
CA GLY A 248 7.48 -4.12 25.56
C GLY A 248 7.08 -2.71 25.22
N ALA A 249 8.07 -1.86 24.94
CA ALA A 249 7.76 -0.46 24.68
C ALA A 249 8.81 0.12 23.74
N LYS A 250 8.53 1.32 23.26
CA LYS A 250 9.50 2.08 22.49
C LYS A 250 9.30 3.55 22.81
N THR A 251 10.40 4.25 23.09
CA THR A 251 10.39 5.68 23.32
C THR A 251 10.54 6.43 21.99
N GLY A 252 10.12 7.69 22.01
CA GLY A 252 10.38 8.57 20.89
C GLY A 252 10.58 10.01 21.35
N THR A 253 11.51 10.71 20.73
CA THR A 253 11.72 12.13 20.99
C THR A 253 12.02 12.81 19.65
N ALA A 254 11.13 13.68 19.22
CA ALA A 254 11.21 14.28 17.90
C ALA A 254 11.36 15.79 18.03
N ARG A 255 12.34 16.35 17.33
CA ARG A 255 12.45 17.80 17.23
C ARG A 255 11.28 18.34 16.42
N LYS A 256 10.67 19.41 16.91
CA LYS A 256 9.55 19.99 16.18
C LYS A 256 10.05 20.77 14.97
N PHE A 257 9.21 20.87 13.97
CA PHE A 257 9.52 21.62 12.74
C PHE A 257 8.90 23.01 12.89
N VAL A 258 9.73 23.98 13.26
CA VAL A 258 9.31 25.36 13.44
C VAL A 258 9.64 26.13 12.18
N ASN A 259 8.61 26.61 11.48
CA ASN A 259 8.77 27.29 10.21
C ASN A 259 9.49 26.41 9.19
N GLY A 260 10.82 26.54 9.10
CA GLY A 260 11.58 25.81 8.11
C GLY A 260 12.85 25.16 8.62
N ARG A 261 12.90 24.87 9.93
CA ARG A 261 14.02 24.16 10.53
C ARG A 261 13.50 23.23 11.61
N TYR A 262 14.34 22.27 12.01
CA TYR A 262 14.05 21.40 13.14
C TYR A 262 14.66 22.02 14.38
N ALA A 263 13.81 22.47 15.30
CA ALA A 263 14.28 23.17 16.49
C ALA A 263 15.01 22.22 17.43
N ASP A 264 16.21 22.60 17.83
CA ASP A 264 16.85 21.91 18.94
C ASP A 264 16.23 22.30 20.28
N ASN A 265 15.30 23.25 20.27
CA ASN A 265 14.65 23.76 21.48
C ASN A 265 13.42 22.93 21.85
N LYS A 266 12.45 22.83 20.93
CA LYS A 266 11.16 22.23 21.19
C LYS A 266 11.13 20.77 20.74
N HIS A 267 10.47 19.93 21.53
CA HIS A 267 10.42 18.50 21.25
C HIS A 267 9.02 17.96 21.48
N VAL A 268 8.77 16.79 20.90
CA VAL A 268 7.57 16.00 21.16
C VAL A 268 8.04 14.68 21.74
N ALA A 269 7.55 14.34 22.93
CA ALA A 269 7.97 13.16 23.69
C ALA A 269 6.87 12.11 23.65
N THR A 270 7.22 10.90 23.21
CA THR A 270 6.27 9.82 23.02
C THR A 270 6.75 8.56 23.73
N PHE A 271 5.81 7.82 24.33
CA PHE A 271 6.07 6.51 24.90
C PHE A 271 4.90 5.62 24.53
N ILE A 272 5.17 4.50 23.86
CA ILE A 272 4.12 3.56 23.48
C ILE A 272 4.57 2.15 23.84
N GLY A 273 3.68 1.37 24.42
CA GLY A 273 4.03 0.05 24.89
C GLY A 273 2.81 -0.80 25.11
N PHE A 274 3.07 -2.05 25.49
CA PHE A 274 2.02 -3.04 25.58
C PHE A 274 2.38 -4.05 26.66
N ALA A 275 1.36 -4.68 27.23
CA ALA A 275 1.55 -5.65 28.31
C ALA A 275 0.35 -6.57 28.34
N PRO A 276 0.48 -7.81 28.86
CA PRO A 276 1.72 -8.54 29.15
C PRO A 276 2.50 -8.76 27.87
N ALA A 277 3.82 -8.63 27.90
CA ALA A 277 4.59 -8.59 26.67
C ALA A 277 4.52 -9.88 25.87
N LYS A 278 4.37 -11.02 26.55
CA LYS A 278 4.32 -12.29 25.83
C LYS A 278 2.98 -12.47 25.11
N ASN A 279 1.87 -12.15 25.79
CA ASN A 279 0.53 -12.27 25.23
C ASN A 279 -0.23 -10.99 25.54
N PRO A 280 -0.03 -9.94 24.76
CA PRO A 280 -0.50 -8.61 25.16
C PRO A 280 -2.01 -8.51 25.20
N ARG A 281 -2.52 -7.77 26.19
CA ARG A 281 -3.92 -7.40 26.28
C ARG A 281 -4.17 -5.92 26.03
N VAL A 282 -3.21 -5.06 26.32
CA VAL A 282 -3.41 -3.61 26.32
C VAL A 282 -2.25 -2.92 25.61
N ILE A 283 -2.58 -1.94 24.77
CA ILE A 283 -1.61 -0.98 24.24
C ILE A 283 -1.92 0.38 24.87
N VAL A 284 -0.88 1.05 25.39
CA VAL A 284 -0.99 2.42 25.88
C VAL A 284 0.02 3.28 25.11
N ALA A 285 -0.45 4.41 24.58
CA ALA A 285 0.39 5.35 23.85
C ALA A 285 0.22 6.74 24.42
N VAL A 286 1.32 7.43 24.67
CA VAL A 286 1.31 8.76 25.28
C VAL A 286 2.22 9.69 24.49
N THR A 287 1.72 10.87 24.15
N THR A 287 1.69 10.83 24.08
CA THR A 287 2.50 11.91 23.48
CA THR A 287 2.48 11.91 23.51
C THR A 287 2.35 13.22 24.22
C THR A 287 2.36 13.13 24.40
N ILE A 288 3.48 13.82 24.61
CA ILE A 288 3.51 15.06 25.37
C ILE A 288 4.17 16.10 24.49
N ASP A 289 3.46 17.20 24.24
CA ASP A 289 3.87 18.20 23.27
C ASP A 289 4.66 19.31 23.96
N GLU A 290 5.91 19.49 23.56
CA GLU A 290 6.76 20.59 24.01
C GLU A 290 6.88 20.66 25.54
N PRO A 291 7.44 19.63 26.18
CA PRO A 291 7.77 19.78 27.60
C PRO A 291 8.88 20.80 27.76
N THR A 292 8.77 21.62 28.83
CA THR A 292 9.74 22.67 29.10
C THR A 292 10.38 22.57 30.48
N ALA A 293 9.84 21.73 31.37
CA ALA A 293 10.43 21.53 32.68
C ALA A 293 10.62 20.04 32.93
N HIS A 294 11.68 19.71 33.67
CA HIS A 294 11.92 18.36 34.20
C HIS A 294 12.13 17.33 33.08
N GLY A 295 12.80 17.74 32.01
CA GLY A 295 13.18 16.83 30.96
C GLY A 295 12.32 16.97 29.71
N TYR A 296 12.86 16.47 28.59
CA TYR A 296 12.10 16.48 27.35
C TYR A 296 12.19 15.18 26.55
N TYR A 297 12.81 14.14 27.08
CA TYR A 297 12.88 12.88 26.35
C TYR A 297 11.62 12.05 26.56
N GLY A 298 11.35 11.15 25.61
CA GLY A 298 10.15 10.33 25.67
C GLY A 298 10.07 9.48 26.92
N GLY A 299 11.18 8.80 27.25
CA GLY A 299 11.19 7.96 28.44
C GLY A 299 10.91 8.74 29.71
N VAL A 300 11.62 9.86 29.91
CA VAL A 300 11.49 10.59 31.16
C VAL A 300 10.15 11.32 31.24
N VAL A 301 9.61 11.78 30.11
CA VAL A 301 8.40 12.62 30.14
C VAL A 301 7.14 11.78 30.01
N ALA A 302 7.05 10.93 28.99
CA ALA A 302 5.83 10.18 28.78
C ALA A 302 5.87 8.78 29.39
N GLY A 303 7.03 8.35 29.88
CA GLY A 303 7.16 7.07 30.55
C GLY A 303 6.34 6.96 31.82
N PRO A 304 6.43 7.94 32.72
CA PRO A 304 5.70 7.85 34.00
C PRO A 304 4.20 7.77 33.81
N PRO A 305 3.57 8.64 32.99
CA PRO A 305 2.12 8.44 32.76
C PRO A 305 1.81 7.11 32.09
N PHE A 306 2.67 6.62 31.19
CA PHE A 306 2.44 5.31 30.60
C PHE A 306 2.38 4.24 31.68
N LYS A 307 3.33 4.26 32.62
CA LYS A 307 3.39 3.22 33.64
C LYS A 307 2.14 3.22 34.50
N LYS A 308 1.65 4.40 34.89
N LYS A 308 1.63 4.40 34.86
CA LYS A 308 0.45 4.47 35.72
CA LYS A 308 0.46 4.47 35.72
C LYS A 308 -0.79 4.07 34.93
C LYS A 308 -0.81 4.15 34.96
N ILE A 309 -0.89 4.52 33.68
CA ILE A 309 -2.07 4.18 32.87
C ILE A 309 -2.08 2.70 32.55
N MET A 310 -0.92 2.12 32.21
CA MET A 310 -0.88 0.70 31.90
C MET A 310 -1.19 -0.14 33.15
N GLY A 311 -0.50 0.14 34.25
CA GLY A 311 -0.73 -0.62 35.47
C GLY A 311 -2.19 -0.57 35.91
N GLY A 312 -2.77 0.63 35.91
CA GLY A 312 -4.16 0.76 36.29
C GLY A 312 -5.11 0.13 35.29
N SER A 313 -4.78 0.18 33.99
CA SER A 313 -5.62 -0.45 32.99
C SER A 313 -5.67 -1.95 33.20
N LEU A 314 -4.50 -2.59 33.38
CA LEU A 314 -4.47 -4.01 33.66
C LEU A 314 -5.26 -4.34 34.91
N ASN A 315 -5.17 -3.48 35.94
N ASN A 315 -5.15 -3.50 35.94
CA ASN A 315 -5.92 -3.69 37.17
CA ASN A 315 -5.92 -3.70 37.16
C ASN A 315 -7.42 -3.57 36.93
C ASN A 315 -7.42 -3.59 36.90
N ILE A 316 -7.82 -2.62 36.07
CA ILE A 316 -9.25 -2.41 35.80
C ILE A 316 -9.82 -3.56 34.99
N LEU A 317 -9.04 -4.11 34.06
CA LEU A 317 -9.49 -5.21 33.22
C LEU A 317 -9.32 -6.58 33.87
N GLY A 318 -8.81 -6.65 35.10
CA GLY A 318 -8.67 -7.93 35.78
C GLY A 318 -7.60 -8.83 35.21
N ILE A 319 -6.53 -8.25 34.65
CA ILE A 319 -5.44 -9.03 34.09
C ILE A 319 -4.50 -9.45 35.21
N SER A 320 -4.35 -10.77 35.39
CA SER A 320 -3.50 -11.28 36.46
C SER A 320 -2.03 -11.02 36.15
N PRO A 321 -1.24 -10.57 37.12
CA PRO A 321 0.20 -10.38 36.89
C PRO A 321 0.88 -11.71 36.54
N THR A 322 1.91 -11.60 35.70
CA THR A 322 2.63 -12.76 35.20
C THR A 322 3.89 -13.08 36.02
N LYS A 323 4.24 -12.24 36.98
CA LYS A 323 5.38 -12.47 37.85
C LYS A 323 5.08 -11.85 39.20
N PRO A 324 5.77 -12.29 40.26
CA PRO A 324 5.46 -11.77 41.59
C PRO A 324 5.58 -10.26 41.68
N LEU A 325 4.59 -9.64 42.31
CA LEU A 325 4.66 -8.22 42.61
C LEU A 325 5.78 -7.94 43.60
N THR A 326 6.46 -6.81 43.42
CA THR A 326 7.48 -6.37 44.36
C THR A 326 7.20 -4.96 44.87
N ALA A 327 6.02 -4.41 44.58
CA ALA A 327 5.65 -3.06 45.01
C ALA A 327 4.38 -3.10 45.84
N ASP B 1 19.46 8.57 -30.28
CA ASP B 1 18.83 9.60 -29.47
C ASP B 1 18.78 9.16 -28.01
N MET B 2 18.59 10.12 -27.11
CA MET B 2 18.54 9.80 -25.69
C MET B 2 17.17 9.32 -25.25
N LEU B 3 16.12 9.77 -25.92
CA LEU B 3 14.76 9.39 -25.54
C LEU B 3 14.49 7.95 -25.93
N SER B 4 13.65 7.29 -25.12
CA SER B 4 13.16 5.98 -25.49
C SER B 4 12.10 6.05 -26.59
N LEU B 5 11.56 7.24 -26.83
CA LEU B 5 10.57 7.42 -27.89
C LEU B 5 11.12 6.93 -29.22
N ASP B 6 10.32 6.16 -29.94
CA ASP B 6 10.70 5.63 -31.24
C ASP B 6 9.84 6.31 -32.30
N GLN B 7 10.49 7.02 -33.23
CA GLN B 7 9.76 7.80 -34.23
C GLN B 7 8.89 6.92 -35.11
N ARG B 8 9.38 5.73 -35.48
CA ARG B 8 8.58 4.85 -36.33
C ARG B 8 7.37 4.33 -35.57
N ILE B 9 7.56 3.88 -34.33
CA ILE B 9 6.45 3.36 -33.55
C ILE B 9 5.46 4.47 -33.23
N GLN B 10 5.96 5.66 -32.89
CA GLN B 10 5.07 6.78 -32.59
C GLN B 10 4.18 7.11 -33.78
N THR B 11 4.77 7.13 -34.98
CA THR B 11 3.99 7.43 -36.19
C THR B 11 2.94 6.35 -36.44
N LEU B 12 3.31 5.08 -36.29
CA LEU B 12 2.37 3.99 -36.47
C LEU B 12 1.21 4.08 -35.47
N ALA B 13 1.55 4.29 -34.19
CA ALA B 13 0.51 4.37 -33.16
C ALA B 13 -0.49 5.48 -33.47
N TYR B 14 0.00 6.66 -33.85
CA TYR B 14 -0.90 7.77 -34.10
C TYR B 14 -1.78 7.53 -35.33
N GLU B 15 -1.20 6.98 -36.40
CA GLU B 15 -1.98 6.71 -37.60
C GLU B 15 -3.08 5.68 -37.33
N GLU B 16 -2.74 4.58 -36.66
CA GLU B 16 -3.74 3.55 -36.39
C GLU B 16 -4.77 4.03 -35.38
N LEU B 17 -4.35 4.88 -34.44
CA LEU B 17 -5.29 5.41 -33.46
C LEU B 17 -6.33 6.31 -34.12
N ASN B 18 -5.88 7.18 -35.04
CA ASN B 18 -6.82 8.06 -35.72
C ASN B 18 -7.76 7.29 -36.63
N LYS B 19 -7.26 6.26 -37.32
CA LYS B 19 -8.14 5.37 -38.07
C LYS B 19 -9.29 4.87 -37.22
N ALA B 20 -8.96 4.32 -36.04
CA ALA B 20 -9.97 3.71 -35.19
C ALA B 20 -10.95 4.75 -34.67
N VAL B 21 -10.44 5.89 -34.18
CA VAL B 21 -11.30 6.92 -33.61
C VAL B 21 -12.23 7.48 -34.67
N GLU B 22 -11.72 7.69 -35.88
CA GLU B 22 -12.55 8.22 -36.96
C GLU B 22 -13.58 7.20 -37.43
N TYR B 23 -13.17 5.93 -37.55
CA TYR B 23 -14.10 4.90 -38.01
C TYR B 23 -15.25 4.71 -37.03
N HIS B 24 -14.94 4.55 -35.75
CA HIS B 24 -15.96 4.40 -34.74
C HIS B 24 -16.55 5.74 -34.29
N GLN B 25 -16.15 6.83 -34.93
CA GLN B 25 -16.67 8.17 -34.64
C GLN B 25 -16.65 8.46 -33.14
N ALA B 26 -15.49 8.23 -32.54
CA ALA B 26 -15.36 8.33 -31.11
C ALA B 26 -14.97 9.74 -30.68
N LYS B 27 -15.00 9.96 -29.37
CA LYS B 27 -14.62 11.26 -28.83
C LYS B 27 -13.12 11.46 -28.88
N ALA B 28 -12.36 10.45 -28.49
CA ALA B 28 -10.92 10.57 -28.34
C ALA B 28 -10.31 9.18 -28.22
N GLY B 29 -8.99 9.12 -28.24
CA GLY B 29 -8.30 7.86 -28.08
C GLY B 29 -6.88 8.09 -27.63
N THR B 30 -6.28 7.04 -27.08
N THR B 30 -6.31 7.06 -27.00
CA THR B 30 -4.93 7.13 -26.53
CA THR B 30 -4.93 7.10 -26.52
C THR B 30 -4.24 5.79 -26.69
C THR B 30 -4.26 5.77 -26.79
N VAL B 31 -2.95 5.82 -27.02
CA VAL B 31 -2.12 4.63 -27.16
C VAL B 31 -0.85 4.77 -26.33
N VAL B 32 -0.46 3.68 -25.66
CA VAL B 32 0.84 3.56 -24.99
C VAL B 32 1.55 2.34 -25.54
N VAL B 33 2.82 2.50 -25.89
CA VAL B 33 3.68 1.37 -26.27
C VAL B 33 4.89 1.36 -25.36
N LEU B 34 5.17 0.20 -24.74
CA LEU B 34 6.27 0.02 -23.81
C LEU B 34 7.17 -1.14 -24.24
N ASP B 35 8.48 -0.97 -24.01
CA ASP B 35 9.38 -2.11 -23.94
C ASP B 35 8.97 -2.94 -22.73
N ALA B 36 8.50 -4.17 -22.97
CA ALA B 36 7.93 -5.00 -21.91
C ALA B 36 8.97 -5.46 -20.88
N ARG B 37 10.26 -5.32 -21.17
CA ARG B 37 11.33 -5.80 -20.31
C ARG B 37 12.02 -4.69 -19.53
N THR B 38 12.03 -3.46 -20.05
CA THR B 38 12.72 -2.34 -19.42
C THR B 38 11.78 -1.25 -18.94
N GLY B 39 10.54 -1.22 -19.42
CA GLY B 39 9.65 -0.13 -19.11
C GLY B 39 9.93 1.15 -19.86
N GLU B 40 10.79 1.12 -20.87
CA GLU B 40 10.99 2.30 -21.70
C GLU B 40 9.72 2.62 -22.47
N ILE B 41 9.37 3.90 -22.49
CA ILE B 41 8.16 4.35 -23.18
C ILE B 41 8.53 4.62 -24.63
N LEU B 42 8.02 3.79 -25.54
CA LEU B 42 8.36 3.89 -26.94
C LEU B 42 7.41 4.79 -27.73
N ALA B 43 6.18 4.97 -27.25
CA ALA B 43 5.23 5.84 -27.92
C ALA B 43 4.11 6.21 -26.96
N LEU B 44 3.66 7.45 -27.07
CA LEU B 44 2.44 7.95 -26.43
C LEU B 44 1.67 8.71 -27.50
N ALA B 45 0.55 8.15 -27.97
CA ALA B 45 -0.25 8.81 -28.99
C ALA B 45 -1.58 9.23 -28.38
N ASN B 46 -2.06 10.41 -28.78
CA ASN B 46 -3.30 10.99 -28.29
C ASN B 46 -4.01 11.68 -29.43
N THR B 47 -5.34 11.63 -29.42
CA THR B 47 -6.16 12.36 -30.39
C THR B 47 -7.53 12.63 -29.80
N PRO B 48 -8.12 13.81 -30.05
CA PRO B 48 -7.52 14.95 -30.75
C PRO B 48 -6.35 15.54 -29.96
N GLY B 49 -5.48 16.31 -30.63
CA GLY B 49 -4.14 16.58 -30.14
C GLY B 49 -4.07 17.37 -28.85
N GLY B 50 -5.20 17.89 -28.36
CA GLY B 50 -5.17 18.64 -27.12
C GLY B 50 -4.83 17.80 -25.91
N ARG B 51 -3.67 18.06 -25.30
CA ARG B 51 -3.25 17.48 -24.02
C ARG B 51 -2.81 16.02 -24.15
N ASN B 52 -1.92 15.59 -23.25
CA ASN B 52 -1.38 14.22 -23.24
C ASN B 52 -2.28 13.36 -22.38
N ARG B 53 -3.37 12.87 -22.99
CA ARG B 53 -4.40 12.16 -22.24
C ARG B 53 -3.88 10.84 -21.67
N ALA B 54 -2.85 10.24 -22.31
CA ALA B 54 -2.25 9.02 -21.78
C ALA B 54 -1.71 9.22 -20.36
N VAL B 55 -1.27 10.44 -20.05
CA VAL B 55 -0.63 10.72 -18.78
C VAL B 55 -1.55 11.49 -17.84
N THR B 56 -2.42 12.34 -18.36
CA THR B 56 -3.18 13.29 -17.56
C THR B 56 -4.60 12.84 -17.26
N ASP B 57 -5.18 11.97 -18.07
CA ASP B 57 -6.58 11.60 -17.94
C ASP B 57 -6.69 10.21 -17.32
N MET B 58 -7.48 10.10 -16.25
CA MET B 58 -7.70 8.82 -15.62
C MET B 58 -9.03 8.21 -16.08
N ILE B 59 -9.06 6.88 -16.13
CA ILE B 59 -10.21 6.11 -16.57
C ILE B 59 -10.42 4.98 -15.56
N GLU B 60 -11.63 4.45 -15.55
CA GLU B 60 -11.82 3.15 -14.90
C GLU B 60 -11.41 2.05 -15.86
N PRO B 61 -10.59 1.09 -15.43
CA PRO B 61 -10.06 0.10 -16.37
C PRO B 61 -11.04 -0.97 -16.79
N GLY B 62 -12.19 -1.10 -16.11
CA GLY B 62 -13.04 -2.25 -16.39
C GLY B 62 -12.25 -3.54 -16.24
N ALA B 63 -12.52 -4.50 -17.12
CA ALA B 63 -11.91 -5.82 -16.98
C ALA B 63 -10.42 -5.84 -17.28
N ALA B 64 -9.83 -4.72 -17.73
CA ALA B 64 -8.38 -4.70 -17.88
C ALA B 64 -7.66 -4.89 -16.56
N ILE B 65 -8.37 -4.74 -15.43
CA ILE B 65 -7.77 -5.00 -14.13
C ILE B 65 -7.84 -6.48 -13.75
N LYS B 66 -8.68 -7.27 -14.42
CA LYS B 66 -8.91 -8.65 -14.01
C LYS B 66 -7.65 -9.52 -13.99
N PRO B 67 -6.68 -9.38 -14.90
CA PRO B 67 -5.48 -10.23 -14.79
C PRO B 67 -4.76 -10.09 -13.47
N PHE B 68 -4.78 -8.89 -12.88
CA PHE B 68 -4.09 -8.72 -11.60
C PHE B 68 -4.84 -9.38 -10.45
N VAL B 69 -6.18 -9.29 -10.45
CA VAL B 69 -6.95 -9.99 -9.43
C VAL B 69 -6.71 -11.49 -9.53
N ILE B 70 -6.71 -12.01 -10.76
CA ILE B 70 -6.45 -13.42 -11.01
C ILE B 70 -5.04 -13.78 -10.58
N ALA B 71 -4.05 -12.95 -10.94
CA ALA B 71 -2.67 -13.23 -10.55
C ALA B 71 -2.50 -13.28 -9.04
N LYS B 72 -3.16 -12.36 -8.32
CA LYS B 72 -3.02 -12.33 -6.87
C LYS B 72 -3.67 -13.56 -6.22
N ALA B 73 -4.85 -13.96 -6.71
CA ALA B 73 -5.47 -15.17 -6.18
C ALA B 73 -4.60 -16.39 -6.41
N LEU B 74 -4.01 -16.51 -7.61
CA LEU B 74 -3.09 -17.60 -7.87
C LEU B 74 -1.85 -17.49 -7.00
N ASP B 75 -1.26 -16.29 -6.93
CA ASP B 75 -0.02 -16.10 -6.19
C ASP B 75 -0.20 -16.43 -4.71
N ALA B 76 -1.34 -16.06 -4.13
CA ALA B 76 -1.61 -16.33 -2.73
C ALA B 76 -2.21 -17.71 -2.50
N GLY B 77 -2.29 -18.54 -3.53
CA GLY B 77 -2.78 -19.90 -3.36
C GLY B 77 -4.23 -19.99 -2.96
N LYS B 78 -5.04 -18.99 -3.29
CA LYS B 78 -6.46 -19.02 -2.99
C LYS B 78 -7.28 -19.59 -4.14
N THR B 79 -6.64 -19.93 -5.25
CA THR B 79 -7.24 -20.72 -6.32
C THR B 79 -6.10 -21.39 -7.08
N ASP B 80 -6.46 -22.27 -8.00
CA ASP B 80 -5.50 -22.93 -8.88
C ASP B 80 -6.14 -23.07 -10.27
N LEU B 81 -5.39 -23.67 -11.19
CA LEU B 81 -5.88 -23.82 -12.56
C LEU B 81 -6.86 -24.97 -12.71
N ASN B 82 -7.15 -25.72 -11.65
CA ASN B 82 -8.08 -26.83 -11.73
C ASN B 82 -9.46 -26.52 -11.18
N GLU B 83 -9.57 -25.49 -10.33
CA GLU B 83 -10.85 -25.19 -9.71
C GLU B 83 -11.86 -24.71 -10.75
N ARG B 84 -13.08 -25.21 -10.66
CA ARG B 84 -14.19 -24.72 -11.45
C ARG B 84 -15.06 -23.89 -10.51
N LEU B 85 -15.16 -22.60 -10.77
CA LEU B 85 -15.93 -21.71 -9.93
C LEU B 85 -17.37 -21.65 -10.42
N ASN B 86 -18.30 -21.57 -9.48
CA ASN B 86 -19.68 -21.26 -9.79
C ASN B 86 -19.74 -19.81 -10.29
N THR B 87 -20.10 -19.62 -11.56
CA THR B 87 -20.17 -18.30 -12.15
C THR B 87 -21.59 -17.86 -12.47
N GLN B 88 -22.58 -18.52 -11.85
CA GLN B 88 -23.96 -18.05 -11.98
CA GLN B 88 -23.95 -18.05 -11.99
C GLN B 88 -24.09 -16.67 -11.36
N PRO B 89 -24.96 -15.82 -11.92
CA PRO B 89 -25.16 -14.50 -11.32
C PRO B 89 -25.64 -14.62 -9.88
N TYR B 90 -25.30 -13.62 -9.07
CA TYR B 90 -25.69 -13.62 -7.68
C TYR B 90 -25.86 -12.18 -7.23
N LYS B 91 -26.35 -12.03 -6.01
CA LYS B 91 -26.58 -10.72 -5.42
C LYS B 91 -25.70 -10.57 -4.18
N ILE B 92 -25.24 -9.35 -3.96
CA ILE B 92 -24.67 -8.93 -2.70
C ILE B 92 -25.66 -7.95 -2.11
N GLY B 93 -26.44 -8.38 -1.13
CA GLY B 93 -27.61 -7.64 -0.73
C GLY B 93 -28.56 -7.51 -1.91
N PRO B 94 -28.99 -6.29 -2.22
CA PRO B 94 -29.84 -6.06 -3.40
C PRO B 94 -29.08 -5.86 -4.69
N SER B 95 -27.75 -5.77 -4.63
CA SER B 95 -26.96 -5.41 -5.79
C SER B 95 -26.63 -6.66 -6.59
N PRO B 96 -27.02 -6.73 -7.86
CA PRO B 96 -26.66 -7.89 -8.67
C PRO B 96 -25.22 -7.85 -9.13
N VAL B 97 -24.62 -9.03 -9.22
CA VAL B 97 -23.35 -9.23 -9.92
C VAL B 97 -23.67 -10.18 -11.06
N ARG B 98 -23.61 -9.67 -12.29
CA ARG B 98 -24.02 -10.41 -13.46
C ARG B 98 -22.98 -10.28 -14.56
N ASP B 99 -22.86 -11.34 -15.36
CA ASP B 99 -22.14 -11.28 -16.62
C ASP B 99 -23.14 -11.05 -17.75
N THR B 100 -22.68 -10.36 -18.80
CA THR B 100 -23.53 -10.16 -19.96
C THR B 100 -23.90 -11.49 -20.61
N HIS B 101 -22.98 -12.44 -20.61
CA HIS B 101 -23.23 -13.79 -21.10
C HIS B 101 -22.96 -14.78 -19.97
N VAL B 102 -23.95 -15.60 -19.66
CA VAL B 102 -23.97 -16.39 -18.43
C VAL B 102 -23.47 -17.80 -18.71
N TYR B 103 -22.41 -18.19 -18.00
CA TYR B 103 -21.90 -19.55 -17.93
C TYR B 103 -22.10 -20.09 -16.53
N PRO B 104 -22.60 -21.33 -16.36
CA PRO B 104 -22.79 -21.84 -14.99
C PRO B 104 -21.51 -21.99 -14.22
N SER B 105 -20.41 -22.35 -14.88
CA SER B 105 -19.15 -22.51 -14.19
C SER B 105 -18.02 -22.27 -15.16
N LEU B 106 -16.91 -21.79 -14.64
CA LEU B 106 -15.72 -21.53 -15.42
C LEU B 106 -14.50 -21.83 -14.55
N ASP B 107 -13.43 -22.30 -15.19
CA ASP B 107 -12.16 -22.30 -14.47
C ASP B 107 -11.51 -20.93 -14.61
N VAL B 108 -10.33 -20.78 -14.01
CA VAL B 108 -9.64 -19.49 -14.04
C VAL B 108 -9.33 -19.06 -15.46
N ARG B 109 -8.93 -20.02 -16.32
CA ARG B 109 -8.71 -19.70 -17.73
C ARG B 109 -9.99 -19.17 -18.37
N GLY B 110 -11.13 -19.82 -18.10
CA GLY B 110 -12.38 -19.36 -18.68
C GLY B 110 -12.80 -17.98 -18.18
N ILE B 111 -12.51 -17.67 -16.92
CA ILE B 111 -12.82 -16.36 -16.37
C ILE B 111 -12.04 -15.28 -17.13
N MET B 112 -10.77 -15.53 -17.39
CA MET B 112 -9.97 -14.61 -18.20
C MET B 112 -10.51 -14.57 -19.62
N GLN B 113 -10.66 -15.74 -20.24
CA GLN B 113 -11.04 -15.83 -21.64
C GLN B 113 -12.37 -15.12 -21.93
N LYS B 114 -13.38 -15.39 -21.11
CA LYS B 114 -14.71 -14.84 -21.33
C LYS B 114 -14.93 -13.50 -20.65
N SER B 115 -14.03 -13.09 -19.74
CA SER B 115 -14.15 -11.86 -18.98
C SER B 115 -15.34 -11.91 -18.03
N SER B 116 -15.27 -12.80 -17.04
CA SER B 116 -16.37 -13.06 -16.13
C SER B 116 -16.25 -12.16 -14.90
N ASN B 117 -17.18 -11.20 -14.77
CA ASN B 117 -17.29 -10.40 -13.56
C ASN B 117 -17.62 -11.26 -12.34
N VAL B 118 -18.50 -12.24 -12.52
CA VAL B 118 -18.88 -13.10 -11.39
C VAL B 118 -17.66 -13.85 -10.87
N GLY B 119 -16.94 -14.53 -11.77
CA GLY B 119 -15.79 -15.32 -11.33
C GLY B 119 -14.70 -14.47 -10.71
N THR B 120 -14.42 -13.30 -11.30
CA THR B 120 -13.42 -12.40 -10.73
C THR B 120 -13.80 -11.94 -9.34
N SER B 121 -15.07 -11.53 -9.15
CA SER B 121 -15.48 -10.99 -7.86
C SER B 121 -15.43 -12.06 -6.77
N LYS B 122 -15.66 -13.32 -7.12
CA LYS B 122 -15.56 -14.39 -6.14
C LYS B 122 -14.11 -14.67 -5.76
N LEU B 123 -13.18 -14.53 -6.71
CA LEU B 123 -11.76 -14.62 -6.38
C LEU B 123 -11.34 -13.49 -5.45
N SER B 124 -11.73 -12.26 -5.79
CA SER B 124 -11.42 -11.12 -4.93
C SER B 124 -12.06 -11.23 -3.56
N ALA B 125 -13.22 -11.88 -3.46
CA ALA B 125 -13.89 -12.05 -2.17
C ALA B 125 -13.10 -12.94 -1.21
N ARG B 126 -12.15 -13.72 -1.72
CA ARG B 126 -11.31 -14.53 -0.85
C ARG B 126 -10.23 -13.71 -0.16
N PHE B 127 -10.15 -12.42 -0.45
CA PHE B 127 -9.28 -11.49 0.25
C PHE B 127 -10.14 -10.48 1.00
N GLY B 128 -9.58 -9.94 2.09
CA GLY B 128 -10.23 -8.82 2.75
C GLY B 128 -10.11 -7.55 1.94
N ALA B 129 -11.01 -6.60 2.24
CA ALA B 129 -11.01 -5.33 1.50
C ALA B 129 -9.68 -4.60 1.64
N GLU B 130 -9.08 -4.62 2.83
CA GLU B 130 -7.84 -3.90 3.05
C GLU B 130 -6.69 -4.51 2.25
N GLU B 131 -6.63 -5.86 2.20
CA GLU B 131 -5.62 -6.53 1.39
C GLU B 131 -5.72 -6.11 -0.07
N MET B 132 -6.94 -6.09 -0.62
CA MET B 132 -7.10 -5.71 -2.01
C MET B 132 -6.72 -4.25 -2.24
N TYR B 133 -7.08 -3.39 -1.29
CA TYR B 133 -6.72 -1.97 -1.37
C TYR B 133 -5.20 -1.80 -1.42
N ASP B 134 -4.47 -2.44 -0.51
CA ASP B 134 -3.01 -2.37 -0.55
C ASP B 134 -2.47 -2.92 -1.86
N PHE B 135 -3.10 -3.96 -2.40
CA PHE B 135 -2.66 -4.55 -3.65
C PHE B 135 -2.81 -3.58 -4.80
N TYR B 136 -3.98 -2.94 -4.93
CA TYR B 136 -4.16 -1.94 -5.97
C TYR B 136 -3.16 -0.79 -5.81
N HIS B 137 -2.86 -0.41 -4.57
CA HIS B 137 -1.87 0.64 -4.31
C HIS B 137 -0.47 0.16 -4.69
N GLU B 138 -0.14 -1.09 -4.34
CA GLU B 138 1.11 -1.72 -4.74
C GLU B 138 1.30 -1.69 -6.27
N LEU B 139 0.22 -1.87 -7.02
CA LEU B 139 0.30 -1.79 -8.48
C LEU B 139 0.49 -0.36 -8.98
N GLY B 140 0.39 0.63 -8.11
CA GLY B 140 0.56 2.02 -8.50
C GLY B 140 -0.73 2.81 -8.65
N ILE B 141 -1.89 2.23 -8.32
CA ILE B 141 -3.13 2.98 -8.44
C ILE B 141 -3.21 4.00 -7.32
N GLY B 142 -3.40 5.26 -7.69
CA GLY B 142 -3.34 6.34 -6.72
C GLY B 142 -1.95 6.91 -6.47
N VAL B 143 -0.93 6.42 -7.16
CA VAL B 143 0.45 6.82 -6.94
C VAL B 143 0.95 7.52 -8.20
N ARG B 144 1.34 8.78 -8.05
CA ARG B 144 1.76 9.57 -9.21
C ARG B 144 3.02 8.99 -9.84
N MET B 145 3.09 9.09 -11.16
CA MET B 145 4.27 8.64 -11.91
C MET B 145 5.39 9.66 -11.89
N HIS B 146 5.08 10.92 -11.58
CA HIS B 146 6.04 12.03 -11.65
C HIS B 146 6.79 12.02 -12.97
N SER B 147 6.02 12.01 -14.06
CA SER B 147 6.61 12.01 -15.40
C SER B 147 7.21 13.36 -15.75
N GLY B 148 6.73 14.43 -15.14
CA GLY B 148 7.10 15.78 -15.48
C GLY B 148 6.03 16.55 -16.25
N PHE B 149 5.09 15.85 -16.86
CA PHE B 149 4.03 16.51 -17.62
C PHE B 149 3.12 17.28 -16.68
N PRO B 150 2.79 18.54 -16.97
CA PRO B 150 1.82 19.26 -16.15
C PRO B 150 0.45 18.60 -16.24
N GLY B 151 -0.29 18.68 -15.13
CA GLY B 151 -1.59 18.06 -15.06
C GLY B 151 -1.58 16.55 -14.89
N GLU B 152 -0.40 15.94 -14.75
CA GLU B 152 -0.30 14.51 -14.53
C GLU B 152 -1.19 14.08 -13.37
N THR B 153 -1.91 12.97 -13.56
CA THR B 153 -2.86 12.49 -12.57
C THR B 153 -2.22 11.40 -11.71
N ALA B 154 -2.60 11.38 -10.44
CA ALA B 154 -2.24 10.29 -9.54
C ALA B 154 -3.20 9.11 -9.64
N GLY B 155 -4.39 9.32 -10.19
CA GLY B 155 -5.42 8.30 -10.17
C GLY B 155 -6.29 8.40 -8.94
N LEU B 156 -7.10 7.38 -8.74
CA LEU B 156 -8.07 7.37 -7.64
C LEU B 156 -8.15 5.98 -7.05
N LEU B 157 -7.82 5.86 -5.76
CA LEU B 157 -7.98 4.62 -5.00
C LEU B 157 -8.72 4.97 -3.72
N ARG B 158 -9.99 4.59 -3.63
CA ARG B 158 -10.81 4.96 -2.48
C ARG B 158 -10.39 4.19 -1.24
N ASN B 159 -10.37 4.90 -0.11
CA ASN B 159 -10.05 4.31 1.18
C ASN B 159 -10.90 3.06 1.42
N TRP B 160 -10.23 1.96 1.78
CA TRP B 160 -10.91 0.68 1.97
C TRP B 160 -11.96 0.75 3.06
N ARG B 161 -11.80 1.66 4.04
CA ARG B 161 -12.78 1.77 5.10
C ARG B 161 -14.13 2.25 4.60
N ARG B 162 -14.17 2.89 3.44
CA ARG B 162 -15.42 3.34 2.84
C ARG B 162 -16.06 2.29 1.95
N TRP B 163 -15.43 1.13 1.78
CA TRP B 163 -15.94 0.11 0.85
C TRP B 163 -17.07 -0.68 1.49
N ARG B 164 -18.18 -0.81 0.77
CA ARG B 164 -19.14 -1.85 1.11
C ARG B 164 -18.82 -3.11 0.32
N PRO B 165 -19.30 -4.28 0.76
CA PRO B 165 -18.92 -5.53 0.07
C PRO B 165 -19.21 -5.54 -1.42
N ILE B 166 -20.26 -4.83 -1.86
CA ILE B 166 -20.50 -4.71 -3.29
C ILE B 166 -19.37 -3.93 -3.95
N GLU B 167 -18.78 -2.98 -3.22
CA GLU B 167 -17.73 -2.17 -3.83
C GLU B 167 -16.43 -2.94 -3.99
N GLN B 168 -16.12 -3.87 -3.07
CA GLN B 168 -14.95 -4.71 -3.28
C GLN B 168 -15.13 -5.59 -4.51
N ALA B 169 -16.33 -6.14 -4.70
CA ALA B 169 -16.62 -6.93 -5.89
C ALA B 169 -16.49 -6.09 -7.15
N THR B 170 -17.13 -4.92 -7.18
CA THR B 170 -17.14 -4.15 -8.41
C THR B 170 -15.76 -3.58 -8.72
N MET B 171 -14.96 -3.27 -7.70
CA MET B 171 -13.60 -2.82 -7.97
C MET B 171 -12.76 -3.93 -8.58
N SER B 172 -13.04 -5.19 -8.23
CA SER B 172 -12.30 -6.30 -8.81
C SER B 172 -12.52 -6.44 -10.31
N PHE B 173 -13.60 -5.91 -10.86
CA PHE B 173 -13.69 -5.82 -12.31
C PHE B 173 -13.72 -4.38 -12.82
N GLY B 174 -13.03 -3.48 -12.11
CA GLY B 174 -12.64 -2.21 -12.68
C GLY B 174 -13.50 -1.02 -12.37
N TYR B 175 -14.52 -1.16 -11.52
CA TYR B 175 -15.32 -0.01 -11.09
C TYR B 175 -14.60 0.73 -9.96
N GLY B 176 -14.82 2.03 -9.90
CA GLY B 176 -14.37 2.79 -8.74
C GLY B 176 -12.94 3.28 -8.80
N LEU B 177 -11.98 2.37 -8.93
CA LEU B 177 -10.59 2.79 -9.04
C LEU B 177 -10.34 3.41 -10.41
N GLN B 178 -9.40 4.37 -10.43
CA GLN B 178 -9.10 5.09 -11.67
C GLN B 178 -7.60 5.27 -11.82
N LEU B 179 -7.14 5.16 -13.06
CA LEU B 179 -5.75 5.40 -13.40
C LEU B 179 -5.66 5.87 -14.84
N SER B 180 -4.51 6.43 -15.19
CA SER B 180 -4.25 6.79 -16.58
C SER B 180 -3.85 5.56 -17.37
N LEU B 181 -3.87 5.68 -18.70
CA LEU B 181 -3.41 4.57 -19.53
C LEU B 181 -1.95 4.26 -19.27
N LEU B 182 -1.14 5.28 -18.97
CA LEU B 182 0.26 5.04 -18.65
C LEU B 182 0.40 4.21 -17.38
N GLN B 183 -0.37 4.53 -16.34
CA GLN B 183 -0.33 3.74 -15.12
C GLN B 183 -0.81 2.32 -15.35
N LEU B 184 -1.83 2.15 -16.19
CA LEU B 184 -2.32 0.80 -16.50
C LEU B 184 -1.25 0.00 -17.24
N ALA B 185 -0.63 0.60 -18.25
CA ALA B 185 0.46 -0.06 -18.96
C ALA B 185 1.60 -0.41 -18.02
N ARG B 186 1.95 0.51 -17.10
CA ARG B 186 3.01 0.22 -16.13
C ARG B 186 2.68 -1.02 -15.32
N ALA B 187 1.44 -1.12 -14.83
CA ALA B 187 1.03 -2.27 -14.05
C ALA B 187 1.29 -3.57 -14.81
N TYR B 188 1.09 -3.55 -16.13
CA TYR B 188 1.28 -4.74 -16.94
C TYR B 188 2.73 -5.17 -17.06
N THR B 189 3.69 -4.31 -16.72
CA THR B 189 5.07 -4.77 -16.66
C THR B 189 5.27 -5.81 -15.57
N ALA B 190 4.46 -5.76 -14.50
CA ALA B 190 4.49 -6.83 -13.50
C ALA B 190 4.16 -8.18 -14.11
N LEU B 191 3.34 -8.20 -15.17
CA LEU B 191 3.03 -9.45 -15.85
C LEU B 191 4.10 -9.82 -16.87
N THR B 192 4.62 -8.84 -17.62
CA THR B 192 5.56 -9.16 -18.68
C THR B 192 6.96 -9.40 -18.15
N HIS B 193 7.36 -8.67 -17.12
CA HIS B 193 8.68 -8.78 -16.53
C HIS B 193 8.72 -9.77 -15.37
N ASP B 194 7.98 -10.88 -15.52
CA ASP B 194 8.05 -12.05 -14.64
C ASP B 194 7.81 -11.68 -13.17
N GLY B 195 6.77 -10.88 -12.93
CA GLY B 195 6.35 -10.58 -11.57
C GLY B 195 6.91 -9.31 -10.99
N VAL B 196 7.77 -8.60 -11.73
CA VAL B 196 8.49 -7.44 -11.24
C VAL B 196 7.89 -6.20 -11.90
N LEU B 197 7.21 -5.38 -11.09
CA LEU B 197 6.72 -4.08 -11.54
C LEU B 197 7.87 -3.13 -11.81
N LEU B 198 7.87 -2.48 -13.03
CA LEU B 198 8.95 -1.56 -13.39
C LEU B 198 8.50 -0.11 -13.24
N PRO B 199 9.42 0.83 -13.00
CA PRO B 199 9.00 2.22 -12.81
C PRO B 199 8.57 2.93 -14.09
N LEU B 200 9.07 2.49 -15.24
CA LEU B 200 8.92 3.13 -16.56
C LEU B 200 9.91 4.28 -16.70
N SER B 201 10.21 4.67 -17.94
CA SER B 201 11.21 5.68 -18.20
C SER B 201 11.00 6.27 -19.59
N PHE B 202 11.23 7.58 -19.70
CA PHE B 202 11.20 8.26 -20.98
C PHE B 202 12.57 8.27 -21.66
N GLU B 203 13.59 7.75 -21.00
CA GLU B 203 14.95 7.75 -21.54
C GLU B 203 15.41 6.32 -21.81
N LYS B 204 16.31 6.19 -22.78
CA LYS B 204 16.93 4.90 -23.05
C LYS B 204 17.77 4.46 -21.86
N GLN B 205 17.68 3.18 -21.53
CA GLN B 205 18.33 2.63 -20.35
C GLN B 205 19.61 1.91 -20.77
N ALA B 206 20.75 2.36 -20.24
CA ALA B 206 21.98 1.61 -20.45
C ALA B 206 22.00 0.33 -19.64
N VAL B 207 21.31 0.31 -18.49
CA VAL B 207 21.22 -0.85 -17.61
C VAL B 207 19.75 -1.22 -17.49
N ALA B 208 19.46 -2.52 -17.44
CA ALA B 208 18.10 -2.95 -17.17
C ALA B 208 17.67 -2.46 -15.80
N PRO B 209 16.53 -1.80 -15.68
CA PRO B 209 16.19 -1.10 -14.43
C PRO B 209 15.77 -2.06 -13.33
N GLN B 210 15.93 -1.59 -12.10
CA GLN B 210 15.46 -2.33 -10.94
C GLN B 210 13.97 -2.10 -10.74
N GLY B 211 13.25 -3.17 -10.42
CA GLY B 211 11.84 -3.05 -10.17
C GLY B 211 11.46 -3.54 -8.79
N LYS B 212 10.17 -3.80 -8.59
CA LYS B 212 9.63 -4.22 -7.29
C LYS B 212 8.84 -5.50 -7.56
N ARG B 213 9.13 -6.59 -6.87
CA ARG B 213 8.41 -7.82 -7.12
C ARG B 213 7.00 -7.75 -6.54
N ILE B 214 6.01 -8.11 -7.36
CA ILE B 214 4.62 -8.22 -6.93
C ILE B 214 4.18 -9.68 -6.90
N PHE B 215 4.53 -10.43 -7.93
CA PHE B 215 4.15 -11.83 -8.06
C PHE B 215 5.40 -12.68 -8.18
N LYS B 216 5.28 -13.95 -7.82
CA LYS B 216 6.31 -14.90 -8.17
C LYS B 216 6.38 -15.03 -9.69
N GLU B 217 7.60 -15.29 -10.18
CA GLU B 217 7.80 -15.41 -11.63
C GLU B 217 6.87 -16.45 -12.24
N SER B 218 6.65 -17.57 -11.52
CA SER B 218 5.80 -18.62 -12.06
C SER B 218 4.35 -18.17 -12.19
N THR B 219 3.88 -17.32 -11.28
CA THR B 219 2.54 -16.75 -11.38
C THR B 219 2.42 -15.85 -12.59
N ALA B 220 3.38 -14.94 -12.78
CA ALA B 220 3.34 -14.04 -13.93
C ALA B 220 3.33 -14.83 -15.24
N ARG B 221 4.21 -15.84 -15.34
CA ARG B 221 4.27 -16.66 -16.55
C ARG B 221 2.97 -17.41 -16.79
N GLU B 222 2.37 -17.91 -15.71
CA GLU B 222 1.11 -18.63 -15.84
C GLU B 222 -0.01 -17.69 -16.30
N VAL B 223 -0.05 -16.48 -15.76
CA VAL B 223 -1.11 -15.55 -16.13
C VAL B 223 -0.95 -15.09 -17.57
N ARG B 224 0.29 -14.96 -18.06
CA ARG B 224 0.49 -14.61 -19.46
C ARG B 224 -0.10 -15.67 -20.38
N ASN B 225 0.12 -16.96 -20.04
N ASN B 225 0.07 -16.95 -20.04
CA ASN B 225 -0.44 -18.03 -20.86
CA ASN B 225 -0.45 -17.99 -20.92
C ASN B 225 -1.95 -18.00 -20.84
C ASN B 225 -1.95 -18.21 -20.77
N LEU B 226 -2.55 -17.72 -19.67
CA LEU B 226 -4.00 -17.62 -19.60
C LEU B 226 -4.52 -16.50 -20.50
N MET B 227 -3.80 -15.39 -20.56
CA MET B 227 -4.21 -14.24 -21.39
C MET B 227 -4.09 -14.53 -22.88
N VAL B 228 -3.35 -15.57 -23.28
CA VAL B 228 -3.33 -15.97 -24.68
C VAL B 228 -4.71 -16.47 -25.12
N SER B 229 -5.48 -17.06 -24.21
CA SER B 229 -6.84 -17.48 -24.54
CA SER B 229 -6.84 -17.49 -24.57
C SER B 229 -7.73 -16.31 -24.93
N VAL B 230 -7.39 -15.10 -24.50
CA VAL B 230 -8.20 -13.93 -24.86
C VAL B 230 -8.13 -13.65 -26.35
N THR B 231 -6.99 -13.91 -27.00
CA THR B 231 -6.86 -13.64 -28.43
C THR B 231 -7.14 -14.86 -29.30
N GLU B 232 -7.44 -16.00 -28.71
CA GLU B 232 -7.70 -17.21 -29.47
C GLU B 232 -9.20 -17.44 -29.56
N PRO B 233 -9.64 -18.26 -30.53
CA PRO B 233 -11.08 -18.52 -30.67
C PRO B 233 -11.72 -18.90 -29.34
N GLY B 234 -12.86 -18.29 -29.05
CA GLY B 234 -13.51 -18.37 -27.77
C GLY B 234 -13.21 -17.22 -26.84
N GLY B 235 -12.14 -16.46 -27.12
CA GLY B 235 -11.82 -15.30 -26.31
C GLY B 235 -12.53 -14.05 -26.80
N THR B 236 -12.50 -13.03 -25.94
CA THR B 236 -13.13 -11.75 -26.25
C THR B 236 -12.24 -10.82 -27.07
N GLY B 237 -10.98 -11.18 -27.29
CA GLY B 237 -10.08 -10.29 -28.01
C GLY B 237 -9.44 -10.87 -29.25
N THR B 238 -10.18 -11.70 -30.01
CA THR B 238 -9.61 -12.27 -31.22
C THR B 238 -9.30 -11.21 -32.27
N ALA B 239 -9.96 -10.05 -32.23
CA ALA B 239 -9.65 -9.01 -33.19
C ALA B 239 -8.25 -8.43 -33.01
N GLY B 240 -7.60 -8.69 -31.87
CA GLY B 240 -6.25 -8.25 -31.59
C GLY B 240 -5.17 -9.28 -31.82
N ALA B 241 -5.51 -10.47 -32.31
CA ALA B 241 -4.51 -11.49 -32.60
C ALA B 241 -3.56 -10.99 -33.69
N VAL B 242 -2.28 -11.34 -33.57
CA VAL B 242 -1.24 -10.88 -34.47
C VAL B 242 -0.64 -12.08 -35.19
N ASP B 243 -0.61 -11.99 -36.52
CA ASP B 243 -0.07 -13.07 -37.35
C ASP B 243 1.38 -13.36 -36.99
N GLY B 244 1.70 -14.64 -36.82
CA GLY B 244 3.05 -15.07 -36.49
C GLY B 244 3.44 -14.97 -35.03
N PHE B 245 2.52 -14.57 -34.16
CA PHE B 245 2.81 -14.46 -32.74
C PHE B 245 1.65 -15.00 -31.93
N ASP B 246 1.95 -15.40 -30.70
CA ASP B 246 0.96 -15.61 -29.67
C ASP B 246 0.89 -14.35 -28.82
N VAL B 247 -0.32 -13.86 -28.57
CA VAL B 247 -0.54 -12.57 -27.91
C VAL B 247 -1.33 -12.81 -26.64
N GLY B 248 -0.79 -12.34 -25.51
CA GLY B 248 -1.56 -12.26 -24.28
C GLY B 248 -2.20 -10.89 -24.21
N ALA B 249 -3.51 -10.86 -23.98
CA ALA B 249 -4.22 -9.59 -23.97
C ALA B 249 -5.39 -9.65 -22.99
N LYS B 250 -5.95 -8.48 -22.71
CA LYS B 250 -7.20 -8.38 -21.97
C LYS B 250 -8.02 -7.25 -22.54
N THR B 251 -9.31 -7.51 -22.78
CA THR B 251 -10.24 -6.48 -23.23
C THR B 251 -10.81 -5.74 -22.03
N GLY B 252 -11.20 -4.49 -22.28
CA GLY B 252 -11.89 -3.68 -21.29
C GLY B 252 -13.03 -2.89 -21.91
N THR B 253 -14.19 -2.90 -21.25
CA THR B 253 -15.34 -2.12 -21.67
C THR B 253 -15.95 -1.52 -20.42
N ALA B 254 -15.81 -0.20 -20.26
CA ALA B 254 -16.23 0.49 -19.05
C ALA B 254 -17.35 1.47 -19.38
N ARG B 255 -18.44 1.38 -18.62
CA ARG B 255 -19.45 2.43 -18.66
C ARG B 255 -18.89 3.70 -18.03
N LYS B 256 -19.25 4.84 -18.61
CA LYS B 256 -18.68 6.11 -18.17
C LYS B 256 -19.36 6.63 -16.91
N PHE B 257 -18.57 7.26 -16.05
CA PHE B 257 -19.04 7.84 -14.81
C PHE B 257 -19.36 9.31 -15.02
N VAL B 258 -20.54 9.73 -14.55
CA VAL B 258 -20.97 11.12 -14.67
C VAL B 258 -20.90 11.79 -13.30
N ASN B 259 -22.03 12.29 -12.82
CA ASN B 259 -22.08 12.92 -11.50
C ASN B 259 -22.75 11.98 -10.50
N GLY B 260 -22.04 10.90 -10.20
CA GLY B 260 -22.51 9.90 -9.26
C GLY B 260 -23.36 8.80 -9.86
N ARG B 261 -23.42 8.70 -11.19
CA ARG B 261 -24.18 7.65 -11.85
C ARG B 261 -23.42 7.17 -13.08
N TYR B 262 -23.62 5.89 -13.42
CA TYR B 262 -22.96 5.27 -14.55
C TYR B 262 -23.91 5.27 -15.75
N ALA B 263 -23.50 5.90 -16.84
CA ALA B 263 -24.30 5.91 -18.06
C ALA B 263 -24.19 4.57 -18.76
N ASP B 264 -25.34 4.03 -19.17
CA ASP B 264 -25.40 2.73 -19.82
C ASP B 264 -25.16 2.79 -21.32
N ASN B 265 -25.02 3.99 -21.89
CA ASN B 265 -24.87 4.17 -23.33
C ASN B 265 -23.59 4.88 -23.72
N LYS B 266 -22.67 5.10 -22.77
CA LYS B 266 -21.39 5.73 -23.02
C LYS B 266 -20.31 4.83 -22.47
N HIS B 267 -19.35 4.45 -23.31
CA HIS B 267 -18.35 3.47 -22.91
C HIS B 267 -16.94 3.94 -23.27
N VAL B 268 -15.98 3.33 -22.60
CA VAL B 268 -14.56 3.46 -22.91
C VAL B 268 -14.06 2.07 -23.29
N ALA B 269 -13.62 1.91 -24.54
CA ALA B 269 -13.14 0.64 -25.06
C ALA B 269 -11.62 0.58 -24.92
N THR B 270 -11.14 -0.49 -24.29
CA THR B 270 -9.72 -0.63 -23.99
C THR B 270 -9.23 -2.00 -24.44
N PHE B 271 -8.04 -2.02 -25.04
CA PHE B 271 -7.37 -3.27 -25.41
C PHE B 271 -5.91 -3.13 -25.05
N ILE B 272 -5.41 -4.02 -24.22
CA ILE B 272 -4.03 -3.98 -23.79
C ILE B 272 -3.45 -5.38 -23.87
N GLY B 273 -2.23 -5.49 -24.38
CA GLY B 273 -1.64 -6.80 -24.60
C GLY B 273 -0.15 -6.71 -24.80
N PHE B 274 0.46 -7.89 -24.92
CA PHE B 274 1.90 -8.02 -25.05
C PHE B 274 2.22 -9.19 -25.96
N ALA B 275 3.43 -9.18 -26.51
CA ALA B 275 3.89 -10.21 -27.42
C ALA B 275 5.41 -10.12 -27.50
N PRO B 276 6.11 -11.24 -27.81
CA PRO B 276 5.61 -12.62 -27.82
C PRO B 276 5.14 -13.05 -26.43
N ALA B 277 4.02 -13.77 -26.33
CA ALA B 277 3.38 -13.94 -25.03
C ALA B 277 4.28 -14.65 -24.03
N LYS B 278 5.11 -15.59 -24.49
CA LYS B 278 5.96 -16.33 -23.56
C LYS B 278 7.23 -15.58 -23.19
N ASN B 279 7.79 -14.78 -24.10
CA ASN B 279 8.95 -13.94 -23.83
C ASN B 279 8.64 -12.52 -24.27
N PRO B 280 7.84 -11.79 -23.49
CA PRO B 280 7.30 -10.51 -23.98
C PRO B 280 8.39 -9.51 -24.29
N ARG B 281 8.19 -8.76 -25.36
CA ARG B 281 9.07 -7.67 -25.74
C ARG B 281 8.36 -6.33 -25.81
N VAL B 282 7.08 -6.31 -26.16
CA VAL B 282 6.32 -5.08 -26.35
C VAL B 282 5.01 -5.16 -25.58
N ILE B 283 4.65 -4.06 -24.93
CA ILE B 283 3.30 -3.86 -24.41
C ILE B 283 2.64 -2.78 -25.25
N VAL B 284 1.42 -3.05 -25.73
CA VAL B 284 0.62 -2.06 -26.44
C VAL B 284 -0.70 -1.93 -25.70
N ALA B 285 -1.06 -0.69 -25.37
CA ALA B 285 -2.33 -0.38 -24.72
C ALA B 285 -3.08 0.62 -25.56
N VAL B 286 -4.34 0.33 -25.83
CA VAL B 286 -5.18 1.18 -26.69
C VAL B 286 -6.49 1.45 -25.97
N THR B 287 -6.84 2.73 -25.85
N THR B 287 -6.87 2.73 -25.90
CA THR B 287 -8.14 3.14 -25.32
CA THR B 287 -8.14 3.13 -25.30
C THR B 287 -8.84 4.00 -26.37
C THR B 287 -8.87 4.05 -26.27
N ILE B 288 -10.11 3.72 -26.58
CA ILE B 288 -10.96 4.52 -27.47
C ILE B 288 -12.12 5.04 -26.64
N ASP B 289 -12.26 6.36 -26.61
CA ASP B 289 -13.18 7.04 -25.70
C ASP B 289 -14.50 7.35 -26.41
N GLU B 290 -15.58 6.77 -25.91
CA GLU B 290 -16.93 7.00 -26.42
C GLU B 290 -17.07 6.74 -27.93
N PRO B 291 -16.85 5.51 -28.38
CA PRO B 291 -17.23 5.19 -29.77
C PRO B 291 -18.73 5.33 -29.92
N THR B 292 -19.15 5.85 -31.09
CA THR B 292 -20.57 6.06 -31.36
C THR B 292 -21.07 5.27 -32.56
N ALA B 293 -20.18 4.55 -33.26
CA ALA B 293 -20.58 3.78 -34.42
C ALA B 293 -19.80 2.47 -34.47
N HIS B 294 -20.45 1.44 -35.00
CA HIS B 294 -19.83 0.15 -35.27
C HIS B 294 -19.34 -0.55 -33.99
N GLY B 295 -20.02 -0.32 -32.88
CA GLY B 295 -19.81 -1.09 -31.68
C GLY B 295 -19.07 -0.31 -30.61
N TYR B 296 -18.97 -0.94 -29.43
CA TYR B 296 -18.31 -0.31 -28.29
C TYR B 296 -17.52 -1.27 -27.41
N TYR B 297 -17.54 -2.58 -27.69
CA TYR B 297 -16.72 -3.52 -26.94
C TYR B 297 -15.24 -3.26 -27.19
N GLY B 298 -14.44 -3.38 -26.13
CA GLY B 298 -13.00 -3.21 -26.27
C GLY B 298 -12.40 -4.06 -27.38
N GLY B 299 -12.76 -5.35 -27.42
CA GLY B 299 -12.24 -6.20 -28.47
C GLY B 299 -12.62 -5.73 -29.86
N VAL B 300 -13.87 -5.30 -30.04
CA VAL B 300 -14.34 -4.85 -31.35
C VAL B 300 -13.67 -3.54 -31.74
N VAL B 301 -13.55 -2.61 -30.79
CA VAL B 301 -13.16 -1.24 -31.13
C VAL B 301 -11.66 -1.03 -31.02
N ALA B 302 -11.06 -1.46 -29.91
CA ALA B 302 -9.64 -1.23 -29.70
C ALA B 302 -8.78 -2.41 -30.13
N GLY B 303 -9.39 -3.54 -30.46
CA GLY B 303 -8.70 -4.70 -30.97
C GLY B 303 -7.94 -4.46 -32.27
N PRO B 304 -8.63 -3.96 -33.30
CA PRO B 304 -7.97 -3.76 -34.61
C PRO B 304 -6.78 -2.80 -34.52
N PRO B 305 -6.91 -1.63 -33.89
CA PRO B 305 -5.70 -0.78 -33.77
C PRO B 305 -4.57 -1.46 -33.00
N PHE B 306 -4.89 -2.21 -31.93
CA PHE B 306 -3.85 -2.96 -31.23
C PHE B 306 -3.14 -3.91 -32.18
N LYS B 307 -3.90 -4.67 -32.97
CA LYS B 307 -3.30 -5.65 -33.87
C LYS B 307 -2.26 -5.01 -34.78
N LYS B 308 -2.63 -3.90 -35.42
CA LYS B 308 -1.71 -3.25 -36.35
C LYS B 308 -0.54 -2.57 -35.64
N ILE B 309 -0.78 -2.00 -34.46
CA ILE B 309 0.31 -1.32 -33.74
C ILE B 309 1.28 -2.34 -33.18
N MET B 310 0.77 -3.42 -32.58
CA MET B 310 1.65 -4.48 -32.09
C MET B 310 2.40 -5.13 -33.24
N GLY B 311 1.68 -5.62 -34.26
CA GLY B 311 2.34 -6.24 -35.40
C GLY B 311 3.40 -5.35 -36.03
N GLY B 312 3.07 -4.07 -36.23
CA GLY B 312 4.04 -3.15 -36.79
C GLY B 312 5.19 -2.85 -35.86
N SER B 313 4.95 -2.81 -34.55
CA SER B 313 6.02 -2.52 -33.60
C SER B 313 7.01 -3.68 -33.51
N LEU B 314 6.51 -4.92 -33.52
CA LEU B 314 7.39 -6.07 -33.53
C LEU B 314 8.28 -6.06 -34.78
N ASN B 315 7.69 -5.72 -35.93
CA ASN B 315 8.46 -5.66 -37.17
C ASN B 315 9.48 -4.53 -37.13
N ILE B 316 9.05 -3.34 -36.70
CA ILE B 316 9.96 -2.19 -36.61
C ILE B 316 11.16 -2.53 -35.73
N LEU B 317 10.94 -3.26 -34.65
CA LEU B 317 12.00 -3.56 -33.69
C LEU B 317 12.82 -4.79 -34.07
N GLY B 318 12.51 -5.44 -35.20
CA GLY B 318 13.26 -6.62 -35.60
C GLY B 318 12.98 -7.86 -34.78
N ILE B 319 11.82 -7.94 -34.13
CA ILE B 319 11.48 -9.10 -33.33
C ILE B 319 10.79 -10.12 -34.23
N SER B 320 11.40 -11.30 -34.34
CA SER B 320 10.99 -12.29 -35.33
C SER B 320 9.74 -13.04 -34.87
N PRO B 321 8.84 -13.35 -35.80
CA PRO B 321 7.70 -14.22 -35.47
C PRO B 321 8.15 -15.52 -34.82
N THR B 322 7.25 -16.12 -34.04
CA THR B 322 7.53 -17.40 -33.41
C THR B 322 6.85 -18.56 -34.13
N LYS B 323 6.03 -18.29 -35.14
CA LYS B 323 5.41 -19.30 -35.96
C LYS B 323 5.22 -18.71 -37.35
N PRO B 324 5.04 -19.55 -38.37
CA PRO B 324 4.97 -19.03 -39.74
C PRO B 324 3.76 -18.12 -39.92
N LEU B 325 3.95 -17.05 -40.70
CA LEU B 325 2.85 -16.17 -41.05
C LEU B 325 1.90 -16.86 -42.02
N THR B 326 0.62 -16.50 -41.93
CA THR B 326 -0.38 -16.95 -42.88
C THR B 326 -0.76 -15.86 -43.89
N ALA B 327 -0.44 -14.60 -43.60
CA ALA B 327 -0.73 -13.51 -44.53
C ALA B 327 0.35 -12.44 -44.46
#